data_6J4H
#
_entry.id   6J4H
#
_cell.length_a   148.943
_cell.length_b   60.103
_cell.length_c   133.962
_cell.angle_alpha   90.00
_cell.angle_beta   114.66
_cell.angle_gamma   90.00
#
_symmetry.space_group_name_H-M   'C 1 2 1'
#
loop_
_entity.id
_entity.type
_entity.pdbx_description
1 polymer Pullulanase
2 branched alpha-D-glucopyranose-(1-4)-alpha-D-glucopyranose-(1-4)-alpha-D-glucopyranose
3 non-polymer 'CALCIUM ION'
4 non-polymer GLYCEROL
5 non-polymer 'MAGNESIUM ION'
6 water water
#
_entity_poly.entity_id   1
_entity_poly.type   'polypeptide(L)'
_entity_poly.pdbx_seq_one_letter_code
;MDVVVRLPDVAVPGEAVQASARQAVIHLVDIAGITSSTPADYATKNLYLWNNETCDALSAPVADWNDVSTTPTGSDKYGP
YWVIPLTKESGCINVIVRDGTNKLIDSDLRVSFSDFTDRTVSVIAGNSAVYDSRADAFRAAFGVALADAHWVDKTTLLWP
GGENKPIVRLYYSHSSKVAADSNGEFSDKYVKLTPTTVSQQVSMRFPHLASYPAFKLPDDVNVDELLQGETVAIAAESDG
ILSSATQVQTAGVLDDTYAAAAEALSYGAQLTDSGVTFRVWAPTAQQVELVIYSADKKVIASHPMTRDSASGAWSWQGGS
DLKGAFYRYAMTVYHPQSRKVEQYEVTDPYAHSLSTNSEYSQVVDLNDSALKPEGWDGLTMPHAQKTKADLAKMTIHESH
IRDLSAWDQTVPAELRGKYLALTAQESNMVQHLKQLSASGVTHIELLPVFDLATVNEFSDKVADIQQPFSRLCEVNSAVK
SSEFAGYCDSGSTVEEVLTQLKQNDSKDNPQVQALNTLVAQTDSYNWGYDPFHYTVPEGSYATDPEGTARIKEFRTMIQA
IKQDLGMNVIMDVVYNHTNAAGPTDRTSVLDKIVPWYYQRLNETTGSVESATCCSDSAPEHRMFAKLIADSLAVWTTDYK
IDGFRFDLMLYHPKAQILSAWERIKALNPDIYFFGEGWDSNQSDRFEIASQINLKGTGIGTFSDRLRDAVRGGGPFDSGD
ALRQNQGVGSGAGVLPNELTTLSDDQARHLADLTRLGMAGNLADFVLIDKDGAVKRGSEIDYNGAPGGYAADPTEVVNYV
SKHDNQTLWDMISYKAAQEADLDTRVRMQAVSLATVMLGQGIAFDQQGSELLRSKSFTRDSYDSGDWFNRVDYSLQDNNY
NVGMPRSSDDGSNYDIIARVKDAVATPGETELKQMTAFYQELTALRKSSPLFTLGDGATVMKRVDFRNTGADQQTGLLVM
TIDDGMQAGASLDSRVDGIVVAINAAPESRTLQDFAGTSLQLSAIQQAAGDRSLASGVQVAADGSVTLPAWSVAVLELPQ
GESQGAGLPVSSK
;
_entity_poly.pdbx_strand_id   A
#
loop_
_chem_comp.id
_chem_comp.type
_chem_comp.name
_chem_comp.formula
CA non-polymer 'CALCIUM ION' 'Ca 2'
GLC D-saccharide, alpha linking alpha-D-glucopyranose 'C6 H12 O6'
GOL non-polymer GLYCEROL 'C3 H8 O3'
MG non-polymer 'MAGNESIUM ION' 'Mg 2'
#
# COMPACT_ATOMS: atom_id res chain seq x y z
N ASP A 2 -46.18 29.65 16.94
CA ASP A 2 -45.52 29.48 15.65
C ASP A 2 -46.24 28.42 14.80
N VAL A 3 -45.95 28.43 13.50
CA VAL A 3 -46.65 27.55 12.57
C VAL A 3 -46.23 26.11 12.81
N VAL A 4 -47.21 25.22 12.92
CA VAL A 4 -46.95 23.78 12.99
C VAL A 4 -46.69 23.27 11.58
N VAL A 5 -45.63 22.48 11.41
CA VAL A 5 -45.33 21.80 10.16
C VAL A 5 -46.10 20.49 10.14
N ARG A 6 -46.66 20.15 8.97
CA ARG A 6 -47.60 19.04 8.91
C ARG A 6 -47.53 18.35 7.55
N LEU A 7 -48.39 17.34 7.41
CA LEU A 7 -48.63 16.51 6.21
C LEU A 7 -47.76 15.25 6.26
N GLY A 143 -42.12 11.78 3.92
CA GLY A 143 -41.31 11.51 5.10
C GLY A 143 -39.84 11.84 4.92
N VAL A 144 -39.03 11.43 5.89
CA VAL A 144 -37.59 11.71 5.84
C VAL A 144 -36.94 10.87 4.75
N ALA A 145 -36.15 11.51 3.90
CA ALA A 145 -35.44 10.81 2.83
C ALA A 145 -34.07 11.42 2.65
N LEU A 146 -33.10 10.57 2.29
CA LEU A 146 -31.73 10.98 2.01
C LEU A 146 -31.08 11.62 3.23
N ALA A 147 -29.90 12.20 3.04
CA ALA A 147 -29.16 12.81 4.14
C ALA A 147 -28.29 13.94 3.58
N ASP A 148 -28.93 14.91 2.93
CA ASP A 148 -28.23 15.95 2.19
C ASP A 148 -28.16 17.27 2.94
N ALA A 149 -28.47 17.28 4.24
CA ALA A 149 -28.23 18.44 5.08
C ALA A 149 -26.92 18.22 5.84
N HIS A 150 -26.12 19.27 5.94
CA HIS A 150 -24.78 19.18 6.54
C HIS A 150 -24.65 20.22 7.64
N TRP A 151 -24.57 19.75 8.88
CA TRP A 151 -24.38 20.62 10.04
C TRP A 151 -22.88 20.74 10.25
N VAL A 152 -22.28 21.81 9.71
CA VAL A 152 -20.84 21.87 9.46
C VAL A 152 -20.08 22.61 10.57
N ASP A 153 -20.76 23.52 11.28
CA ASP A 153 -20.17 24.06 12.50
C ASP A 153 -21.32 24.44 13.44
N LYS A 154 -20.96 25.02 14.59
CA LYS A 154 -21.93 25.23 15.65
C LYS A 154 -23.21 25.87 15.14
N THR A 155 -23.10 26.88 14.29
CA THR A 155 -24.25 27.67 13.88
C THR A 155 -24.49 27.68 12.38
N THR A 156 -23.97 26.70 11.64
CA THR A 156 -24.15 26.69 10.19
C THR A 156 -24.68 25.34 9.74
N LEU A 157 -25.79 25.38 8.99
CA LEU A 157 -26.38 24.21 8.37
C LEU A 157 -26.41 24.46 6.87
N LEU A 158 -25.89 23.50 6.10
CA LEU A 158 -25.88 23.59 4.64
C LEU A 158 -26.85 22.55 4.11
N TRP A 159 -27.83 23.00 3.32
CA TRP A 159 -28.90 22.12 2.87
C TRP A 159 -29.56 22.67 1.61
N PRO A 160 -29.57 21.90 0.51
CA PRO A 160 -30.30 22.38 -0.68
C PRO A 160 -31.81 22.41 -0.49
N GLY A 161 -32.37 21.56 0.37
CA GLY A 161 -33.80 21.43 0.48
C GLY A 161 -34.50 22.59 1.17
N GLY A 162 -33.75 23.42 1.88
CA GLY A 162 -34.33 24.56 2.57
C GLY A 162 -34.30 25.85 1.80
N GLU A 163 -33.87 25.82 0.54
CA GLU A 163 -33.71 27.03 -0.24
C GLU A 163 -35.07 27.61 -0.60
N ASN A 164 -35.22 28.92 -0.41
CA ASN A 164 -36.42 29.68 -0.77
C ASN A 164 -37.66 29.23 0.00
N LYS A 165 -37.52 28.23 0.87
CA LYS A 165 -38.66 27.86 1.70
C LYS A 165 -38.76 28.81 2.89
N PRO A 166 -39.97 29.26 3.23
CA PRO A 166 -40.11 30.25 4.32
C PRO A 166 -39.88 29.69 5.70
N ILE A 167 -40.07 28.39 5.92
CA ILE A 167 -39.89 27.76 7.22
C ILE A 167 -38.84 26.67 7.09
N VAL A 168 -37.67 26.91 7.67
CA VAL A 168 -36.56 25.94 7.68
C VAL A 168 -36.22 25.67 9.14
N ARG A 169 -36.31 24.41 9.55
CA ARG A 169 -36.11 24.04 10.95
C ARG A 169 -35.26 22.78 11.06
N LEU A 170 -34.49 22.70 12.14
CA LEU A 170 -33.73 21.51 12.49
C LEU A 170 -34.45 20.85 13.67
N TYR A 171 -35.24 19.82 13.36
CA TYR A 171 -35.94 19.05 14.38
C TYR A 171 -35.00 18.02 15.00
N TYR A 172 -35.35 17.57 16.20
CA TYR A 172 -34.51 16.60 16.89
C TYR A 172 -35.32 15.81 17.91
N SER A 173 -34.92 14.57 18.10
CA SER A 173 -35.51 13.67 19.08
C SER A 173 -34.39 12.86 19.72
N HIS A 174 -34.39 12.81 21.06
CA HIS A 174 -33.33 12.13 21.79
C HIS A 174 -33.38 10.62 21.59
N SER A 175 -34.57 10.02 21.68
CA SER A 175 -34.68 8.57 21.78
C SER A 175 -35.47 7.90 20.66
N SER A 176 -36.01 8.64 19.69
CA SER A 176 -36.74 8.03 18.59
C SER A 176 -36.52 8.84 17.32
N LYS A 177 -37.20 8.43 16.25
CA LYS A 177 -37.07 9.10 14.97
C LYS A 177 -37.95 10.34 14.92
N VAL A 178 -37.39 11.43 14.39
CA VAL A 178 -38.18 12.61 14.09
C VAL A 178 -39.19 12.22 13.02
N ALA A 179 -40.43 12.01 13.43
CA ALA A 179 -41.49 11.57 12.53
C ALA A 179 -42.76 12.32 12.85
N ALA A 180 -43.75 12.17 11.98
CA ALA A 180 -45.07 12.78 12.18
C ALA A 180 -45.92 11.89 13.05
N ASP A 181 -46.74 12.51 13.91
CA ASP A 181 -47.63 11.78 14.79
C ASP A 181 -48.89 11.40 14.04
N SER A 182 -49.88 10.85 14.76
CA SER A 182 -51.13 10.44 14.13
C SER A 182 -51.84 11.62 13.48
N ASN A 183 -51.75 12.81 14.09
CA ASN A 183 -52.36 14.00 13.51
C ASN A 183 -51.74 14.34 12.15
N GLY A 184 -50.47 14.02 11.96
CA GLY A 184 -49.72 14.51 10.85
C GLY A 184 -48.86 15.71 11.15
N GLU A 185 -48.78 16.13 12.41
CA GLU A 185 -47.91 17.21 12.83
C GLU A 185 -46.53 16.67 13.19
N PHE A 186 -45.54 17.54 13.13
CA PHE A 186 -44.19 17.24 13.61
C PHE A 186 -44.05 17.87 14.98
N SER A 187 -44.23 17.06 16.02
CA SER A 187 -44.31 17.52 17.39
C SER A 187 -42.97 17.54 18.11
N ASP A 188 -41.93 16.93 17.53
CA ASP A 188 -40.62 16.95 18.16
C ASP A 188 -40.13 18.38 18.29
N LYS A 189 -39.27 18.61 19.29
CA LYS A 189 -38.64 19.91 19.45
C LYS A 189 -37.84 20.25 18.21
N TYR A 190 -37.64 21.56 18.00
CA TYR A 190 -36.87 21.99 16.84
C TYR A 190 -36.12 23.27 17.16
N VAL A 191 -35.18 23.59 16.27
CA VAL A 191 -34.45 24.85 16.28
C VAL A 191 -34.69 25.51 14.93
N LYS A 192 -35.16 26.75 14.95
CA LYS A 192 -35.48 27.43 13.71
C LYS A 192 -34.22 28.02 13.08
N LEU A 193 -34.13 27.89 11.76
CA LEU A 193 -32.98 28.36 11.00
C LEU A 193 -33.39 29.52 10.10
N THR A 194 -32.53 30.52 10.03
CA THR A 194 -32.66 31.65 9.15
C THR A 194 -31.64 31.57 8.03
N PRO A 195 -32.01 31.86 6.78
CA PRO A 195 -31.04 31.81 5.69
C PRO A 195 -29.87 32.74 5.96
N THR A 196 -28.68 32.32 5.52
CA THR A 196 -27.47 33.10 5.73
C THR A 196 -26.48 32.79 4.62
N THR A 197 -25.30 33.41 4.70
CA THR A 197 -24.26 33.27 3.71
C THR A 197 -23.11 32.44 4.26
N VAL A 198 -22.60 31.53 3.42
CA VAL A 198 -21.53 30.63 3.84
C VAL A 198 -20.33 31.43 4.30
N SER A 199 -19.85 31.14 5.50
CA SER A 199 -18.69 31.84 6.03
C SER A 199 -17.42 31.39 5.29
N GLN A 200 -16.38 32.20 5.42
CA GLN A 200 -15.10 31.89 4.78
C GLN A 200 -14.45 30.67 5.43
N GLN A 201 -14.60 30.52 6.75
CA GLN A 201 -14.06 29.36 7.43
C GLN A 201 -14.74 28.08 6.96
N VAL A 202 -16.06 28.12 6.74
CA VAL A 202 -16.79 26.93 6.30
C VAL A 202 -16.40 26.57 4.86
N SER A 203 -16.32 27.56 3.99
CA SER A 203 -15.95 27.30 2.60
C SER A 203 -14.53 26.77 2.50
N MET A 204 -13.64 27.21 3.39
CA MET A 204 -12.28 26.66 3.42
C MET A 204 -12.27 25.21 3.89
N ARG A 205 -13.10 24.88 4.89
CA ARG A 205 -13.11 23.53 5.43
C ARG A 205 -13.78 22.55 4.46
N PHE A 206 -14.87 22.97 3.83
CA PHE A 206 -15.69 22.09 3.00
C PHE A 206 -15.95 22.74 1.65
N PRO A 207 -14.91 22.86 0.81
CA PRO A 207 -15.10 23.53 -0.49
C PRO A 207 -16.12 22.86 -1.39
N HIS A 208 -16.30 21.53 -1.28
CA HIS A 208 -17.31 20.84 -2.07
C HIS A 208 -18.73 21.16 -1.61
N LEU A 209 -18.91 21.81 -0.46
CA LEU A 209 -20.23 22.22 0.00
C LEU A 209 -20.44 23.73 -0.07
N ALA A 210 -19.45 24.46 -0.59
CA ALA A 210 -19.45 25.92 -0.46
C ALA A 210 -20.57 26.58 -1.24
N SER A 211 -21.18 25.88 -2.20
CA SER A 211 -22.30 26.40 -2.96
C SER A 211 -23.64 25.95 -2.42
N TYR A 212 -23.67 25.29 -1.27
CA TYR A 212 -24.93 24.88 -0.67
C TYR A 212 -25.64 26.09 -0.05
N PRO A 213 -26.97 26.09 -0.08
CA PRO A 213 -27.70 27.13 0.64
C PRO A 213 -27.43 27.03 2.14
N ALA A 214 -26.99 28.14 2.71
CA ALA A 214 -26.57 28.19 4.10
C ALA A 214 -27.70 28.66 5.01
N PHE A 215 -27.71 28.15 6.23
CA PHE A 215 -28.69 28.55 7.24
C PHE A 215 -27.99 28.66 8.58
N LYS A 216 -28.47 29.59 9.41
CA LYS A 216 -27.85 29.89 10.69
C LYS A 216 -28.72 29.36 11.83
N LEU A 217 -28.06 28.74 12.84
CA LEU A 217 -28.73 28.38 14.07
C LEU A 217 -28.57 29.50 15.10
N PRO A 218 -29.54 29.67 15.99
CA PRO A 218 -29.38 30.64 17.08
C PRO A 218 -28.10 30.38 17.85
N ASP A 219 -27.44 31.47 18.26
CA ASP A 219 -26.13 31.37 18.88
C ASP A 219 -26.16 30.65 20.23
N ASP A 220 -27.34 30.45 20.81
CA ASP A 220 -27.47 29.85 22.13
C ASP A 220 -27.94 28.40 22.08
N VAL A 221 -27.85 27.76 20.91
CA VAL A 221 -28.32 26.39 20.77
C VAL A 221 -27.45 25.47 21.61
N ASN A 222 -28.09 24.50 22.28
CA ASN A 222 -27.38 23.48 23.05
C ASN A 222 -27.04 22.35 22.09
N VAL A 223 -25.92 22.51 21.38
CA VAL A 223 -25.54 21.55 20.35
C VAL A 223 -25.37 20.16 20.95
N ASP A 224 -24.78 20.08 22.15
CA ASP A 224 -24.55 18.79 22.78
C ASP A 224 -25.83 18.00 22.99
N GLU A 225 -26.94 18.70 23.25
CA GLU A 225 -28.21 18.02 23.44
C GLU A 225 -28.77 17.49 22.13
N LEU A 226 -28.63 18.26 21.05
CA LEU A 226 -29.15 17.81 19.76
C LEU A 226 -28.35 16.64 19.20
N LEU A 227 -27.04 16.58 19.48
CA LEU A 227 -26.17 15.56 18.90
C LEU A 227 -26.29 14.21 19.58
N GLN A 228 -27.04 14.10 20.67
CA GLN A 228 -27.26 12.85 21.39
C GLN A 228 -28.25 11.93 20.70
N GLY A 229 -29.03 12.42 19.74
CA GLY A 229 -30.02 11.60 19.10
C GLY A 229 -30.14 11.92 17.62
N GLU A 230 -31.34 11.78 17.07
CA GLU A 230 -31.56 12.05 15.66
C GLU A 230 -31.86 13.52 15.45
N THR A 231 -31.26 14.08 14.40
CA THR A 231 -31.60 15.41 13.91
C THR A 231 -32.07 15.28 12.47
N VAL A 232 -33.08 16.07 12.11
CA VAL A 232 -33.65 16.06 10.77
C VAL A 232 -33.90 17.50 10.36
N ALA A 233 -33.41 17.87 9.18
CA ALA A 233 -33.71 19.19 8.63
C ALA A 233 -35.05 19.12 7.91
N ILE A 234 -35.92 20.08 8.19
CA ILE A 234 -37.28 20.08 7.67
C ILE A 234 -37.57 21.44 7.05
N ALA A 235 -38.09 21.43 5.82
CA ALA A 235 -38.53 22.63 5.12
C ALA A 235 -40.02 22.54 4.90
N ALA A 236 -40.69 23.70 4.99
CA ALA A 236 -42.14 23.74 4.84
C ALA A 236 -42.52 25.05 4.17
N GLU A 237 -43.68 25.04 3.49
CA GLU A 237 -44.20 26.25 2.88
C GLU A 237 -44.77 27.16 3.95
N SER A 238 -45.31 28.31 3.52
CA SER A 238 -45.76 29.33 4.45
C SER A 238 -46.92 28.85 5.31
N ASP A 239 -47.74 27.92 4.79
CA ASP A 239 -48.83 27.37 5.57
C ASP A 239 -48.40 26.29 6.54
N GLY A 240 -47.15 25.84 6.45
CA GLY A 240 -46.69 24.71 7.24
C GLY A 240 -46.78 23.36 6.57
N ILE A 241 -47.08 23.28 5.27
CA ILE A 241 -47.07 21.98 4.59
C ILE A 241 -45.62 21.58 4.32
N LEU A 242 -45.32 20.31 4.56
CA LEU A 242 -43.97 19.81 4.41
C LEU A 242 -43.54 19.82 2.95
N SER A 243 -42.35 20.34 2.70
CA SER A 243 -41.74 20.32 1.37
C SER A 243 -40.70 19.22 1.24
N SER A 244 -39.79 19.10 2.21
CA SER A 244 -38.82 18.01 2.23
C SER A 244 -38.25 17.88 3.63
N ALA A 245 -37.83 16.66 3.96
CA ALA A 245 -37.22 16.35 5.25
C ALA A 245 -36.10 15.36 5.03
N THR A 246 -34.95 15.60 5.65
CA THR A 246 -33.75 14.78 5.40
C THR A 246 -32.94 14.64 6.68
N GLN A 247 -32.10 13.61 6.70
CA GLN A 247 -31.18 13.41 7.80
C GLN A 247 -29.98 14.35 7.70
N VAL A 248 -29.23 14.46 8.80
CA VAL A 248 -28.20 15.47 8.95
C VAL A 248 -26.86 14.78 9.13
N GLN A 249 -25.88 15.18 8.33
CA GLN A 249 -24.50 14.76 8.53
C GLN A 249 -23.82 15.76 9.46
N THR A 250 -23.22 15.24 10.54
CA THR A 250 -22.78 16.07 11.65
C THR A 250 -21.28 16.10 11.86
N ALA A 251 -20.48 15.47 11.00
CA ALA A 251 -19.04 15.40 11.27
C ALA A 251 -18.42 16.78 11.40
N GLY A 252 -18.88 17.75 10.61
CA GLY A 252 -18.31 19.09 10.69
C GLY A 252 -18.54 19.75 12.04
N VAL A 253 -19.79 19.70 12.53
CA VAL A 253 -20.07 20.32 13.82
C VAL A 253 -19.40 19.55 14.96
N LEU A 254 -19.25 18.22 14.80
CA LEU A 254 -18.50 17.47 15.80
C LEU A 254 -17.07 17.99 15.92
N ASP A 255 -16.40 18.22 14.78
CA ASP A 255 -15.06 18.78 14.84
C ASP A 255 -15.07 20.19 15.42
N ASP A 256 -16.01 21.03 14.97
CA ASP A 256 -16.04 22.41 15.43
C ASP A 256 -16.32 22.49 16.93
N THR A 257 -17.10 21.55 17.46
CA THR A 257 -17.48 21.60 18.87
C THR A 257 -16.45 20.92 19.78
N TYR A 258 -15.95 19.74 19.38
CA TYR A 258 -15.20 18.88 20.29
C TYR A 258 -13.75 18.64 19.91
N ALA A 259 -13.37 18.84 18.64
CA ALA A 259 -12.11 18.27 18.17
C ALA A 259 -10.91 18.86 18.90
N ALA A 260 -10.87 20.18 19.09
CA ALA A 260 -9.69 20.75 19.74
C ALA A 260 -9.51 20.21 21.15
N ALA A 261 -10.59 20.19 21.93
CA ALA A 261 -10.51 19.63 23.28
C ALA A 261 -10.14 18.15 23.25
N ALA A 262 -10.72 17.41 22.31
CA ALA A 262 -10.47 15.97 22.25
C ALA A 262 -9.06 15.67 21.74
N GLU A 263 -8.52 16.54 20.87
N GLU A 263 -8.52 16.52 20.85
CA GLU A 263 -7.16 16.34 20.34
CA GLU A 263 -7.17 16.33 20.34
C GLU A 263 -6.11 16.40 21.45
C GLU A 263 -6.10 16.45 21.42
N ALA A 264 -6.37 17.17 22.50
CA ALA A 264 -5.41 17.36 23.58
C ALA A 264 -5.32 16.17 24.52
N LEU A 265 -6.14 15.15 24.34
CA LEU A 265 -6.16 13.99 25.23
C LEU A 265 -5.52 12.78 24.55
N SER A 266 -5.18 11.78 25.36
N SER A 266 -5.21 11.78 25.35
CA SER A 266 -4.68 10.52 24.85
CA SER A 266 -4.68 10.51 24.89
C SER A 266 -5.71 9.41 25.07
C SER A 266 -5.72 9.42 25.06
N TYR A 267 -5.69 8.43 24.17
CA TYR A 267 -6.76 7.43 24.07
C TYR A 267 -6.25 6.00 24.19
N GLY A 268 -7.22 5.10 24.46
CA GLY A 268 -6.94 3.70 24.67
C GLY A 268 -6.87 3.35 26.15
N ALA A 269 -6.37 2.14 26.40
CA ALA A 269 -6.18 1.63 27.77
C ALA A 269 -4.73 1.93 28.15
N GLN A 270 -4.53 2.96 28.95
CA GLN A 270 -3.21 3.54 29.18
C GLN A 270 -2.72 3.20 30.59
N LEU A 271 -1.78 2.27 30.69
CA LEU A 271 -1.18 1.96 31.99
C LEU A 271 -0.25 3.08 32.45
N THR A 272 -0.37 3.46 33.72
CA THR A 272 0.32 4.61 34.31
C THR A 272 1.01 4.19 35.60
N ASP A 273 1.68 5.15 36.25
CA ASP A 273 2.24 4.90 37.59
C ASP A 273 1.15 4.49 38.55
N SER A 274 0.04 5.23 38.56
CA SER A 274 -1.03 5.02 39.51
C SER A 274 -1.97 3.88 39.13
N GLY A 275 -1.85 3.36 37.92
CA GLY A 275 -2.78 2.34 37.47
C GLY A 275 -3.08 2.43 35.98
N VAL A 276 -4.35 2.58 35.64
CA VAL A 276 -4.77 2.58 34.23
C VAL A 276 -5.82 3.66 34.02
N THR A 277 -5.75 4.32 32.87
CA THR A 277 -6.79 5.24 32.42
C THR A 277 -7.27 4.79 31.06
N PHE A 278 -8.56 4.47 30.97
CA PHE A 278 -9.22 4.17 29.70
C PHE A 278 -9.82 5.44 29.16
N ARG A 279 -9.70 5.67 27.85
CA ARG A 279 -10.40 6.80 27.27
C ARG A 279 -10.80 6.46 25.83
N VAL A 280 -12.03 6.81 25.48
CA VAL A 280 -12.56 6.62 24.13
C VAL A 280 -13.32 7.87 23.73
N TRP A 281 -13.13 8.32 22.48
CA TRP A 281 -13.86 9.47 21.98
C TRP A 281 -15.24 9.01 21.48
N ALA A 282 -16.31 9.55 22.06
CA ALA A 282 -17.67 9.18 21.63
C ALA A 282 -18.59 10.36 21.93
N PRO A 283 -18.46 11.45 21.17
CA PRO A 283 -19.14 12.70 21.53
C PRO A 283 -20.64 12.69 21.31
N THR A 284 -21.20 11.70 20.60
CA THR A 284 -22.64 11.59 20.42
C THR A 284 -23.28 10.50 21.25
N ALA A 285 -22.50 9.65 21.91
CA ALA A 285 -23.09 8.52 22.63
C ALA A 285 -23.89 9.00 23.85
N GLN A 286 -24.96 8.29 24.14
CA GLN A 286 -25.78 8.58 25.32
C GLN A 286 -25.21 7.95 26.57
N GLN A 287 -24.59 6.78 26.43
CA GLN A 287 -23.95 6.06 27.52
C GLN A 287 -22.76 5.32 26.96
N VAL A 288 -21.71 5.21 27.77
CA VAL A 288 -20.58 4.32 27.49
C VAL A 288 -20.22 3.61 28.78
N GLU A 289 -20.16 2.29 28.74
CA GLU A 289 -19.68 1.51 29.87
C GLU A 289 -18.44 0.73 29.47
N LEU A 290 -17.49 0.63 30.40
CA LEU A 290 -16.29 -0.17 30.20
C LEU A 290 -16.56 -1.57 30.75
N VAL A 291 -16.55 -2.57 29.87
CA VAL A 291 -16.85 -3.94 30.29
C VAL A 291 -15.52 -4.70 30.39
N ILE A 292 -15.24 -5.25 31.57
CA ILE A 292 -14.00 -5.96 31.84
C ILE A 292 -14.30 -7.44 31.82
N TYR A 293 -13.47 -8.19 31.08
CA TYR A 293 -13.69 -9.62 30.90
C TYR A 293 -12.53 -10.42 31.47
N SER A 294 -12.86 -11.59 32.02
CA SER A 294 -11.84 -12.53 32.46
C SER A 294 -11.15 -13.15 31.25
N ALA A 295 -10.07 -13.88 31.53
CA ALA A 295 -9.38 -14.61 30.47
C ALA A 295 -10.31 -15.54 29.72
N ASP A 296 -11.30 -16.12 30.40
CA ASP A 296 -12.26 -17.01 29.77
C ASP A 296 -13.47 -16.27 29.19
N LYS A 297 -13.40 -14.93 29.15
CA LYS A 297 -14.40 -14.07 28.52
C LYS A 297 -15.73 -14.08 29.29
N LYS A 298 -15.66 -14.17 30.61
CA LYS A 298 -16.79 -13.88 31.49
C LYS A 298 -16.73 -12.41 31.91
N VAL A 299 -17.89 -11.75 31.92
CA VAL A 299 -17.93 -10.38 32.43
C VAL A 299 -17.61 -10.40 33.90
N ILE A 300 -16.60 -9.63 34.31
CA ILE A 300 -16.32 -9.49 35.72
C ILE A 300 -16.64 -8.09 36.24
N ALA A 301 -16.82 -7.10 35.38
CA ALA A 301 -17.25 -5.78 35.79
C ALA A 301 -17.77 -5.02 34.58
N SER A 302 -18.75 -4.14 34.82
CA SER A 302 -19.20 -3.17 33.82
C SER A 302 -19.25 -1.81 34.49
N HIS A 303 -18.40 -0.89 34.05
CA HIS A 303 -18.19 0.40 34.71
C HIS A 303 -18.77 1.52 33.88
N PRO A 304 -19.76 2.28 34.36
CA PRO A 304 -20.13 3.51 33.63
C PRO A 304 -18.93 4.43 33.53
N MET A 305 -18.69 4.95 32.32
CA MET A 305 -17.56 5.83 32.14
C MET A 305 -17.96 7.28 32.40
N THR A 306 -16.96 8.13 32.57
CA THR A 306 -17.16 9.53 32.91
C THR A 306 -17.00 10.38 31.66
N ARG A 307 -18.07 11.08 31.28
CA ARG A 307 -18.04 11.90 30.07
C ARG A 307 -17.44 13.28 30.37
N ASP A 308 -16.51 13.71 29.50
CA ASP A 308 -15.94 15.05 29.56
C ASP A 308 -16.74 15.96 28.62
N SER A 309 -17.35 17.02 29.16
CA SER A 309 -18.23 17.84 28.34
C SER A 309 -17.48 18.59 27.25
N ALA A 310 -16.24 19.02 27.51
CA ALA A 310 -15.53 19.85 26.54
C ALA A 310 -15.16 19.04 25.31
N SER A 311 -14.77 17.78 25.50
CA SER A 311 -14.18 16.97 24.45
C SER A 311 -15.14 15.93 23.88
N GLY A 312 -16.15 15.52 24.64
CA GLY A 312 -16.93 14.38 24.23
C GLY A 312 -16.23 13.05 24.36
N ALA A 313 -15.10 13.01 25.07
CA ALA A 313 -14.45 11.75 25.40
C ALA A 313 -15.01 11.20 26.71
N TRP A 314 -14.90 9.88 26.85
CA TRP A 314 -15.31 9.17 28.04
C TRP A 314 -14.10 8.49 28.64
N SER A 315 -13.95 8.57 29.96
CA SER A 315 -12.77 8.02 30.63
C SER A 315 -13.18 7.19 31.82
N TRP A 316 -12.28 6.29 32.22
CA TRP A 316 -12.44 5.53 33.46
C TRP A 316 -11.07 5.17 33.97
N GLN A 317 -10.81 5.46 35.25
CA GLN A 317 -9.49 5.33 35.83
C GLN A 317 -9.53 4.25 36.89
N GLY A 318 -8.58 3.32 36.81
CA GLY A 318 -8.55 2.20 37.74
C GLY A 318 -7.16 1.84 38.20
N GLY A 319 -7.02 0.66 38.81
CA GLY A 319 -5.75 0.24 39.35
C GLY A 319 -4.90 -0.53 38.34
N SER A 320 -3.65 -0.75 38.72
CA SER A 320 -2.71 -1.46 37.86
C SER A 320 -3.04 -2.95 37.75
N ASP A 321 -3.92 -3.47 38.62
CA ASP A 321 -4.36 -4.86 38.51
C ASP A 321 -5.09 -5.16 37.21
N LEU A 322 -5.47 -4.14 36.45
CA LEU A 322 -6.16 -4.37 35.19
C LEU A 322 -5.21 -4.66 34.04
N LYS A 323 -3.91 -4.67 34.29
CA LYS A 323 -2.96 -5.08 33.26
C LYS A 323 -3.33 -6.47 32.76
N GLY A 324 -3.33 -6.64 31.44
CA GLY A 324 -3.68 -7.92 30.84
C GLY A 324 -5.16 -8.20 30.72
N ALA A 325 -6.04 -7.38 31.30
CA ALA A 325 -7.48 -7.65 31.26
C ALA A 325 -8.03 -7.45 29.85
N PHE A 326 -9.01 -8.26 29.50
CA PHE A 326 -9.78 -8.05 28.28
C PHE A 326 -10.91 -7.05 28.52
N TYR A 327 -11.27 -6.28 27.50
CA TYR A 327 -12.28 -5.26 27.69
C TYR A 327 -12.94 -4.93 26.36
N ARG A 328 -14.17 -4.41 26.46
CA ARG A 328 -14.86 -3.75 25.36
C ARG A 328 -15.59 -2.54 25.91
N TYR A 329 -16.04 -1.68 25.02
CA TYR A 329 -16.86 -0.51 25.37
C TYR A 329 -18.30 -0.82 25.01
N ALA A 330 -19.19 -0.80 26.01
CA ALA A 330 -20.61 -0.96 25.77
C ALA A 330 -21.20 0.39 25.40
N MET A 331 -21.61 0.53 24.14
CA MET A 331 -22.09 1.79 23.60
C MET A 331 -23.61 1.85 23.62
N THR A 332 -24.15 3.00 23.99
CA THR A 332 -25.54 3.35 23.71
C THR A 332 -25.49 4.60 22.84
N VAL A 333 -25.73 4.45 21.54
CA VAL A 333 -25.46 5.54 20.60
C VAL A 333 -26.40 5.45 19.41
N TYR A 334 -26.92 6.61 19.01
CA TYR A 334 -27.72 6.71 17.80
C TYR A 334 -26.87 6.49 16.57
N HIS A 335 -27.32 5.61 15.68
CA HIS A 335 -26.61 5.42 14.41
C HIS A 335 -27.49 5.91 13.28
N PRO A 336 -27.07 6.94 12.52
CA PRO A 336 -27.96 7.50 11.49
C PRO A 336 -28.29 6.54 10.37
N GLN A 337 -27.52 5.46 10.19
CA GLN A 337 -27.84 4.51 9.12
C GLN A 337 -29.09 3.72 9.46
N SER A 338 -29.18 3.23 10.69
CA SER A 338 -30.34 2.49 11.15
C SER A 338 -31.41 3.39 11.77
N ARG A 339 -31.04 4.63 12.11
CA ARG A 339 -31.92 5.56 12.83
C ARG A 339 -32.37 5.01 14.17
N LYS A 340 -31.58 4.11 14.75
CA LYS A 340 -31.84 3.55 16.08
C LYS A 340 -30.80 4.04 17.07
N VAL A 341 -31.21 4.15 18.33
CA VAL A 341 -30.24 4.23 19.42
C VAL A 341 -29.75 2.81 19.65
N GLU A 342 -28.61 2.49 19.07
CA GLU A 342 -28.08 1.13 19.13
C GLU A 342 -27.41 0.86 20.47
N GLN A 343 -27.37 -0.41 20.83
CA GLN A 343 -26.63 -0.87 22.02
C GLN A 343 -25.77 -2.05 21.60
N TYR A 344 -24.45 -1.88 21.69
CA TYR A 344 -23.51 -2.95 21.33
C TYR A 344 -22.19 -2.73 22.05
N GLU A 345 -21.44 -3.81 22.19
CA GLU A 345 -20.07 -3.76 22.69
C GLU A 345 -19.11 -3.72 21.51
N VAL A 346 -18.09 -2.86 21.64
CA VAL A 346 -17.13 -2.63 20.57
C VAL A 346 -15.73 -2.66 21.14
N THR A 347 -14.79 -3.21 20.36
CA THR A 347 -13.40 -3.15 20.79
C THR A 347 -12.87 -1.71 20.69
N ASP A 348 -11.72 -1.49 21.30
CA ASP A 348 -11.10 -0.17 21.35
C ASP A 348 -10.43 0.16 20.02
N PRO A 349 -10.79 1.25 19.35
CA PRO A 349 -10.04 1.64 18.15
C PRO A 349 -8.57 1.94 18.43
N TYR A 350 -8.23 2.29 19.67
CA TYR A 350 -6.85 2.43 20.12
C TYR A 350 -6.35 1.15 20.80
N ALA A 351 -6.97 0.00 20.51
CA ALA A 351 -6.45 -1.25 21.04
C ALA A 351 -4.96 -1.40 20.72
N HIS A 352 -4.19 -1.85 21.70
CA HIS A 352 -2.81 -2.23 21.46
C HIS A 352 -2.56 -3.70 21.71
N SER A 353 -3.58 -4.44 22.17
CA SER A 353 -3.51 -5.89 22.25
C SER A 353 -4.93 -6.41 22.07
N LEU A 354 -5.05 -7.67 21.65
CA LEU A 354 -6.34 -8.26 21.30
C LEU A 354 -6.37 -9.73 21.72
N SER A 355 -7.59 -10.23 21.93
CA SER A 355 -7.81 -11.66 22.01
C SER A 355 -7.80 -12.26 20.61
N THR A 356 -7.96 -13.59 20.55
CA THR A 356 -7.99 -14.28 19.27
C THR A 356 -9.11 -13.75 18.38
N ASN A 357 -8.77 -13.44 17.12
CA ASN A 357 -9.69 -12.94 16.11
C ASN A 357 -10.28 -11.58 16.47
N SER A 358 -9.61 -10.86 17.37
CA SER A 358 -9.90 -9.46 17.67
C SER A 358 -11.26 -9.25 18.35
N GLU A 359 -11.78 -10.27 19.05
CA GLU A 359 -13.11 -10.13 19.64
C GLU A 359 -13.11 -9.20 20.84
N TYR A 360 -12.01 -9.16 21.58
CA TYR A 360 -11.87 -8.29 22.75
C TYR A 360 -10.54 -7.55 22.67
N SER A 361 -10.52 -6.30 23.13
N SER A 361 -10.54 -6.31 23.17
CA SER A 361 -9.23 -5.65 23.28
CA SER A 361 -9.28 -5.61 23.35
C SER A 361 -8.65 -5.99 24.65
C SER A 361 -8.62 -6.09 24.63
N GLN A 362 -7.38 -5.66 24.83
CA GLN A 362 -6.64 -6.09 26.01
C GLN A 362 -5.73 -4.98 26.52
N VAL A 363 -5.72 -4.78 27.84
CA VAL A 363 -4.86 -3.75 28.44
C VAL A 363 -3.41 -4.22 28.39
N VAL A 364 -2.54 -3.42 27.76
CA VAL A 364 -1.13 -3.79 27.63
C VAL A 364 -0.24 -2.56 27.85
N ASP A 365 0.95 -2.82 28.37
CA ASP A 365 2.05 -1.84 28.39
C ASP A 365 3.11 -2.34 27.41
N LEU A 366 3.17 -1.71 26.24
CA LEU A 366 4.10 -2.18 25.23
C LEU A 366 5.56 -2.04 25.66
N ASN A 367 5.85 -1.22 26.67
N ASN A 367 5.82 -1.21 26.69
CA ASN A 367 7.22 -1.09 27.12
CA ASN A 367 7.16 -1.02 27.22
C ASN A 367 7.62 -2.13 28.15
C ASN A 367 7.63 -2.19 28.05
N ASP A 368 6.72 -3.07 28.45
CA ASP A 368 7.04 -4.20 29.32
C ASP A 368 8.18 -5.04 28.72
N SER A 369 9.22 -5.28 29.54
CA SER A 369 10.32 -6.10 29.06
C SER A 369 9.90 -7.52 28.72
N ALA A 370 8.81 -8.03 29.30
CA ALA A 370 8.33 -9.36 28.97
C ALA A 370 7.79 -9.44 27.54
N LEU A 371 7.50 -8.31 26.92
CA LEU A 371 7.02 -8.27 25.54
C LEU A 371 8.13 -7.91 24.55
N LYS A 372 9.38 -7.99 24.97
CA LYS A 372 10.51 -7.61 24.13
C LYS A 372 11.50 -8.75 24.00
N PRO A 373 12.08 -8.95 22.81
CA PRO A 373 13.22 -9.86 22.71
C PRO A 373 14.43 -9.24 23.39
N GLU A 374 15.36 -10.10 23.77
CA GLU A 374 16.59 -9.65 24.42
C GLU A 374 17.31 -8.62 23.56
N GLY A 375 17.68 -7.50 24.18
CA GLY A 375 18.41 -6.45 23.49
C GLY A 375 17.57 -5.55 22.60
N TRP A 376 16.24 -5.65 22.70
CA TRP A 376 15.35 -4.87 21.84
C TRP A 376 15.62 -3.38 21.94
N ASP A 377 15.81 -2.86 23.17
CA ASP A 377 15.92 -1.42 23.32
C ASP A 377 17.13 -0.84 22.60
N GLY A 378 18.15 -1.66 22.37
CA GLY A 378 19.33 -1.20 21.66
C GLY A 378 19.32 -1.43 20.17
N LEU A 379 18.20 -1.88 19.60
CA LEU A 379 18.14 -2.17 18.17
C LEU A 379 18.28 -0.91 17.33
N THR A 380 19.24 -0.92 16.41
CA THR A 380 19.48 0.21 15.53
C THR A 380 19.10 -0.12 14.10
N MET A 381 18.85 0.94 13.35
CA MET A 381 18.53 0.86 11.92
C MET A 381 19.80 0.51 11.15
N PRO A 382 19.87 -0.63 10.42
CA PRO A 382 21.13 -0.97 9.74
C PRO A 382 21.49 -0.03 8.60
N HIS A 383 20.51 0.58 7.94
CA HIS A 383 20.77 1.48 6.82
C HIS A 383 20.36 2.90 7.17
N ALA A 384 21.24 3.85 6.90
CA ALA A 384 20.97 5.25 7.18
C ALA A 384 19.84 5.78 6.31
N GLN A 385 19.05 6.69 6.89
CA GLN A 385 17.99 7.40 6.19
C GLN A 385 18.02 8.91 6.47
N LYS A 386 19.17 9.44 6.87
CA LYS A 386 19.22 10.84 7.33
C LYS A 386 19.23 11.83 6.17
N THR A 387 20.17 11.67 5.25
CA THR A 387 20.31 12.60 4.14
C THR A 387 19.58 12.06 2.93
N LYS A 388 19.41 12.92 1.93
N LYS A 388 19.39 12.95 1.93
CA LYS A 388 18.77 12.45 0.70
CA LYS A 388 18.81 12.50 0.68
C LYS A 388 19.65 11.43 -0.01
C LYS A 388 19.65 11.41 0.04
N ALA A 389 20.98 11.57 0.07
CA ALA A 389 21.86 10.54 -0.47
C ALA A 389 21.68 9.21 0.25
N ASP A 390 21.46 9.25 1.58
CA ASP A 390 21.12 8.04 2.33
C ASP A 390 19.84 7.42 1.81
N LEU A 391 18.78 8.23 1.70
CA LEU A 391 17.47 7.71 1.29
C LEU A 391 17.53 7.10 -0.10
N ALA A 392 18.30 7.71 -1.00
CA ALA A 392 18.34 7.25 -2.37
C ALA A 392 18.89 5.84 -2.48
N LYS A 393 19.69 5.38 -1.52
CA LYS A 393 20.18 4.01 -1.56
C LYS A 393 19.07 3.00 -1.28
N MET A 394 17.90 3.44 -0.81
CA MET A 394 16.82 2.53 -0.46
C MET A 394 16.49 1.62 -1.63
N THR A 395 16.50 0.31 -1.37
CA THR A 395 16.26 -0.74 -2.36
C THR A 395 15.33 -1.74 -1.69
N ILE A 396 14.05 -1.73 -2.08
CA ILE A 396 12.98 -2.33 -1.31
C ILE A 396 12.57 -3.69 -1.89
N HIS A 397 12.34 -4.65 -0.99
CA HIS A 397 11.88 -6.01 -1.33
C HIS A 397 10.50 -6.17 -0.69
N GLU A 398 9.44 -6.04 -1.50
CA GLU A 398 8.07 -6.01 -0.99
C GLU A 398 7.57 -7.43 -0.76
N SER A 399 7.29 -7.78 0.51
CA SER A 399 7.15 -9.17 0.93
C SER A 399 5.86 -9.37 1.74
N HIS A 400 5.48 -10.63 1.85
CA HIS A 400 4.26 -11.04 2.55
C HIS A 400 4.57 -12.22 3.44
N ILE A 401 3.97 -12.25 4.65
CA ILE A 401 4.36 -13.25 5.65
C ILE A 401 4.16 -14.67 5.14
N ARG A 402 3.03 -14.95 4.47
CA ARG A 402 2.84 -16.31 3.95
C ARG A 402 3.66 -16.53 2.68
N ASP A 403 3.69 -15.54 1.79
CA ASP A 403 4.49 -15.69 0.58
C ASP A 403 5.94 -16.08 0.90
N LEU A 404 6.47 -15.58 2.01
CA LEU A 404 7.84 -15.90 2.38
C LEU A 404 8.00 -17.37 2.75
N SER A 405 7.15 -17.90 3.64
CA SER A 405 7.48 -19.19 4.26
C SER A 405 6.43 -20.29 4.10
N ALA A 406 5.30 -20.03 3.44
CA ALA A 406 4.23 -21.03 3.47
C ALA A 406 4.63 -22.32 2.76
N TRP A 407 5.55 -22.23 1.81
CA TRP A 407 5.95 -23.38 1.02
C TRP A 407 7.33 -23.92 1.38
N ASP A 408 8.04 -23.29 2.30
CA ASP A 408 9.45 -23.62 2.53
C ASP A 408 9.53 -24.77 3.52
N GLN A 409 9.78 -25.98 3.00
CA GLN A 409 9.90 -27.15 3.85
C GLN A 409 11.10 -27.10 4.78
N THR A 410 12.03 -26.16 4.57
CA THR A 410 13.16 -25.99 5.47
C THR A 410 12.91 -24.96 6.57
N VAL A 411 11.78 -24.28 6.54
CA VAL A 411 11.27 -23.58 7.72
C VAL A 411 10.53 -24.61 8.59
N PRO A 412 10.80 -24.65 9.90
CA PRO A 412 10.01 -25.55 10.77
C PRO A 412 8.52 -25.39 10.52
N ALA A 413 7.82 -26.53 10.45
CA ALA A 413 6.40 -26.52 10.11
C ALA A 413 5.61 -25.54 10.97
N GLU A 414 5.91 -25.48 12.27
CA GLU A 414 5.20 -24.65 13.23
C GLU A 414 5.39 -23.15 12.96
N LEU A 415 6.36 -22.78 12.14
CA LEU A 415 6.64 -21.38 11.86
C LEU A 415 6.29 -20.98 10.43
N ARG A 416 5.82 -21.91 9.60
CA ARG A 416 5.43 -21.54 8.26
C ARG A 416 4.24 -20.60 8.30
N GLY A 417 4.35 -19.50 7.56
CA GLY A 417 3.31 -18.49 7.57
C GLY A 417 3.31 -17.63 8.80
N LYS A 418 4.40 -17.63 9.57
CA LYS A 418 4.46 -16.89 10.83
C LYS A 418 5.57 -15.84 10.80
N TYR A 419 5.39 -14.80 11.64
CA TYR A 419 6.45 -13.81 11.84
C TYR A 419 7.78 -14.49 12.14
N LEU A 420 7.76 -15.52 12.99
CA LEU A 420 8.98 -16.13 13.48
C LEU A 420 9.72 -16.95 12.41
N ALA A 421 9.11 -17.19 11.25
CA ALA A 421 9.86 -17.84 10.19
C ALA A 421 11.13 -17.07 9.83
N LEU A 422 11.13 -15.75 10.02
CA LEU A 422 12.31 -14.95 9.70
C LEU A 422 13.49 -15.25 10.63
N THR A 423 13.25 -15.98 11.73
CA THR A 423 14.33 -16.40 12.61
C THR A 423 14.89 -17.77 12.27
N ALA A 424 14.35 -18.45 11.26
CA ALA A 424 14.82 -19.79 10.90
C ALA A 424 16.06 -19.63 10.02
N GLN A 425 17.21 -19.47 10.69
CA GLN A 425 18.43 -19.05 10.01
C GLN A 425 18.91 -20.07 8.99
N GLU A 426 18.60 -21.34 9.19
CA GLU A 426 19.06 -22.39 8.29
C GLU A 426 18.14 -22.61 7.11
N SER A 427 17.00 -21.93 7.06
CA SER A 427 16.03 -22.18 6.01
C SER A 427 16.48 -21.57 4.70
N ASN A 428 15.99 -22.17 3.61
CA ASN A 428 16.24 -21.65 2.26
C ASN A 428 15.81 -20.20 2.15
N MET A 429 14.62 -19.88 2.66
CA MET A 429 14.08 -18.52 2.54
C MET A 429 14.98 -17.51 3.24
N VAL A 430 15.36 -17.79 4.49
CA VAL A 430 16.15 -16.81 5.24
C VAL A 430 17.54 -16.67 4.64
N GLN A 431 18.14 -17.79 4.22
N GLN A 431 18.14 -17.80 4.23
CA GLN A 431 19.45 -17.72 3.58
CA GLN A 431 19.45 -17.73 3.57
C GLN A 431 19.38 -16.93 2.28
C GLN A 431 19.37 -16.92 2.29
N HIS A 432 18.28 -17.06 1.54
CA HIS A 432 18.09 -16.29 0.32
C HIS A 432 17.98 -14.79 0.61
N LEU A 433 17.20 -14.42 1.63
CA LEU A 433 17.12 -13.01 2.01
C LEU A 433 18.46 -12.49 2.49
N LYS A 434 19.19 -13.30 3.25
CA LYS A 434 20.50 -12.85 3.73
C LYS A 434 21.44 -12.56 2.56
N GLN A 435 21.37 -13.38 1.51
CA GLN A 435 22.24 -13.12 0.37
C GLN A 435 21.77 -11.90 -0.42
N LEU A 436 20.44 -11.71 -0.54
CA LEU A 436 19.94 -10.48 -1.15
C LEU A 436 20.42 -9.26 -0.39
N SER A 437 20.34 -9.31 0.95
CA SER A 437 20.84 -8.21 1.77
C SER A 437 22.32 -7.96 1.52
N ALA A 438 23.12 -9.03 1.53
CA ALA A 438 24.56 -8.88 1.29
C ALA A 438 24.85 -8.23 -0.05
N SER A 439 23.97 -8.42 -1.04
CA SER A 439 24.18 -7.93 -2.39
C SER A 439 23.57 -6.55 -2.64
N GLY A 440 22.90 -5.96 -1.64
CA GLY A 440 22.43 -4.60 -1.81
C GLY A 440 20.92 -4.40 -1.73
N VAL A 441 20.10 -5.41 -1.43
CA VAL A 441 18.73 -5.12 -1.01
C VAL A 441 18.80 -4.58 0.42
N THR A 442 18.18 -3.43 0.66
CA THR A 442 18.38 -2.75 1.93
C THR A 442 17.14 -2.72 2.82
N HIS A 443 15.94 -2.87 2.26
CA HIS A 443 14.69 -2.72 3.00
C HIS A 443 13.75 -3.87 2.70
N ILE A 444 13.13 -4.42 3.74
CA ILE A 444 11.99 -5.32 3.59
C ILE A 444 10.74 -4.49 3.82
N GLU A 445 9.83 -4.50 2.87
CA GLU A 445 8.53 -3.87 3.06
C GLU A 445 7.51 -4.97 3.31
N LEU A 446 6.76 -4.86 4.40
CA LEU A 446 5.81 -5.90 4.80
C LEU A 446 4.40 -5.51 4.39
N LEU A 447 3.77 -6.35 3.56
CA LEU A 447 2.33 -6.28 3.32
C LEU A 447 1.62 -6.34 4.67
N PRO A 448 0.37 -5.89 4.75
CA PRO A 448 -0.31 -5.69 6.04
C PRO A 448 0.02 -6.64 7.19
N VAL A 449 0.68 -6.12 8.22
CA VAL A 449 0.92 -6.88 9.44
C VAL A 449 0.27 -6.23 10.66
N PHE A 450 -0.49 -5.16 10.47
CA PHE A 450 -1.48 -4.74 11.45
C PHE A 450 -2.64 -5.73 11.43
N ASP A 451 -3.61 -5.56 12.33
CA ASP A 451 -4.66 -6.57 12.47
C ASP A 451 -5.64 -6.48 11.32
N LEU A 452 -5.52 -7.41 10.36
CA LEU A 452 -6.49 -7.52 9.28
C LEU A 452 -7.69 -8.36 9.71
N ALA A 453 -8.77 -8.25 8.93
CA ALA A 453 -10.02 -8.89 9.31
C ALA A 453 -10.29 -10.18 8.55
N THR A 454 -9.63 -10.41 7.42
CA THR A 454 -10.07 -11.37 6.42
C THR A 454 -9.38 -12.73 6.53
N VAL A 455 -8.71 -13.00 7.65
CA VAL A 455 -8.30 -14.34 8.04
C VAL A 455 -8.91 -14.63 9.41
N ASN A 456 -9.53 -15.80 9.57
CA ASN A 456 -10.06 -16.18 10.86
C ASN A 456 -8.90 -16.64 11.73
N GLU A 457 -8.71 -15.98 12.88
CA GLU A 457 -7.57 -16.30 13.72
C GLU A 457 -7.82 -17.52 14.64
N PHE A 458 -9.04 -18.06 14.66
CA PHE A 458 -9.31 -19.32 15.34
C PHE A 458 -8.88 -20.46 14.41
N SER A 459 -7.81 -21.16 14.79
N SER A 459 -7.80 -21.14 14.79
CA SER A 459 -7.20 -22.14 13.89
CA SER A 459 -7.20 -22.15 13.91
C SER A 459 -8.12 -23.31 13.58
C SER A 459 -8.20 -23.24 13.52
N ASP A 460 -9.11 -23.59 14.43
CA ASP A 460 -10.03 -24.70 14.14
C ASP A 460 -11.07 -24.33 13.07
N LYS A 461 -11.16 -23.05 12.70
CA LYS A 461 -12.06 -22.58 11.65
C LYS A 461 -11.36 -22.45 10.31
N VAL A 462 -10.08 -22.78 10.23
CA VAL A 462 -9.27 -22.55 9.04
C VAL A 462 -8.77 -23.89 8.50
N ALA A 463 -8.72 -24.01 7.18
CA ALA A 463 -8.06 -25.13 6.52
C ALA A 463 -7.12 -24.59 5.45
N ASP A 464 -5.90 -25.10 5.44
CA ASP A 464 -4.91 -24.69 4.44
C ASP A 464 -4.59 -25.86 3.52
N ILE A 465 -3.93 -25.56 2.41
CA ILE A 465 -3.87 -26.56 1.35
C ILE A 465 -2.93 -27.71 1.71
N GLN A 466 -2.06 -27.52 2.70
CA GLN A 466 -1.20 -28.59 3.15
C GLN A 466 -1.93 -29.62 4.02
N GLN A 467 -3.17 -29.34 4.38
CA GLN A 467 -3.94 -30.17 5.31
C GLN A 467 -4.91 -31.06 4.55
N PRO A 468 -5.47 -32.08 5.22
CA PRO A 468 -6.38 -33.01 4.52
C PRO A 468 -7.58 -32.30 3.91
N PHE A 469 -8.00 -32.79 2.74
CA PHE A 469 -9.25 -32.30 2.17
C PHE A 469 -10.42 -32.47 3.14
N SER A 470 -10.36 -33.53 3.97
CA SER A 470 -11.42 -33.73 4.96
C SER A 470 -11.52 -32.56 5.93
N ARG A 471 -10.39 -31.93 6.26
CA ARG A 471 -10.43 -30.74 7.11
C ARG A 471 -11.11 -29.58 6.39
N LEU A 472 -10.79 -29.40 5.11
CA LEU A 472 -11.44 -28.36 4.32
C LEU A 472 -12.96 -28.53 4.33
N CYS A 473 -13.44 -29.77 4.17
CA CYS A 473 -14.88 -29.98 4.14
C CYS A 473 -15.51 -29.67 5.49
N GLU A 474 -14.81 -29.93 6.58
N GLU A 474 -14.79 -29.94 6.57
CA GLU A 474 -15.41 -29.69 7.88
CA GLU A 474 -15.29 -29.69 7.91
C GLU A 474 -15.46 -28.21 8.26
C GLU A 474 -15.52 -28.20 8.15
N VAL A 475 -14.60 -27.36 7.68
CA VAL A 475 -14.65 -25.92 7.96
C VAL A 475 -15.32 -25.11 6.87
N ASN A 476 -15.59 -25.70 5.70
CA ASN A 476 -16.05 -24.94 4.54
C ASN A 476 -17.27 -25.64 3.95
N SER A 477 -18.46 -25.12 4.25
CA SER A 477 -19.69 -25.73 3.74
C SER A 477 -19.89 -25.50 2.25
N ALA A 478 -19.24 -24.47 1.68
CA ALA A 478 -19.30 -24.27 0.23
C ALA A 478 -18.59 -25.41 -0.51
N VAL A 479 -17.47 -25.89 0.04
CA VAL A 479 -16.80 -27.04 -0.56
C VAL A 479 -17.66 -28.28 -0.42
N LYS A 480 -18.26 -28.48 0.75
CA LYS A 480 -19.06 -29.67 0.99
C LYS A 480 -20.29 -29.75 0.09
N SER A 481 -20.78 -28.63 -0.43
CA SER A 481 -21.92 -28.65 -1.32
C SER A 481 -21.52 -28.50 -2.79
N SER A 482 -20.23 -28.53 -3.10
CA SER A 482 -19.71 -28.26 -4.43
C SER A 482 -19.51 -29.54 -5.22
N GLU A 483 -19.07 -29.37 -6.48
CA GLU A 483 -18.69 -30.50 -7.33
C GLU A 483 -17.47 -31.25 -6.79
N PHE A 484 -16.73 -30.68 -5.83
CA PHE A 484 -15.55 -31.31 -5.26
C PHE A 484 -15.84 -32.10 -3.98
N ALA A 485 -17.12 -32.23 -3.62
CA ALA A 485 -17.47 -32.89 -2.36
C ALA A 485 -16.99 -34.33 -2.29
N GLY A 486 -16.80 -34.99 -3.44
CA GLY A 486 -16.29 -36.35 -3.43
C GLY A 486 -14.89 -36.49 -2.86
N TYR A 487 -14.14 -35.38 -2.77
CA TYR A 487 -12.82 -35.47 -2.17
C TYR A 487 -12.85 -35.41 -0.64
N CYS A 488 -14.02 -35.20 -0.03
CA CYS A 488 -14.11 -35.00 1.42
C CYS A 488 -13.67 -36.22 2.23
N ASP A 489 -13.89 -37.42 1.70
N ASP A 489 -14.03 -37.42 1.78
CA ASP A 489 -13.35 -38.63 2.33
CA ASP A 489 -13.68 -38.64 2.49
C ASP A 489 -12.38 -39.32 1.36
C ASP A 489 -12.47 -39.33 1.89
N SER A 490 -11.39 -38.58 0.88
N SER A 490 -11.82 -38.70 0.91
CA SER A 490 -10.44 -39.10 -0.11
CA SER A 490 -10.55 -39.19 0.40
C SER A 490 -9.10 -39.54 0.48
C SER A 490 -9.45 -38.97 1.44
N GLY A 491 -8.67 -38.93 1.59
N GLY A 491 -8.27 -39.53 1.15
CA GLY A 491 -7.34 -39.16 2.13
CA GLY A 491 -7.14 -39.32 2.02
C GLY A 491 -6.26 -38.24 1.60
C GLY A 491 -6.13 -38.36 1.45
N SER A 492 -6.56 -37.46 0.57
CA SER A 492 -5.64 -36.52 -0.06
C SER A 492 -5.63 -35.18 0.66
N THR A 493 -4.49 -34.50 0.59
CA THR A 493 -4.49 -33.11 1.02
C THR A 493 -5.08 -32.24 -0.10
N VAL A 494 -5.46 -31.02 0.27
CA VAL A 494 -6.01 -30.12 -0.74
C VAL A 494 -4.99 -29.88 -1.85
N GLU A 495 -3.72 -29.67 -1.47
N GLU A 495 -3.72 -29.68 -1.49
CA GLU A 495 -2.67 -29.42 -2.45
CA GLU A 495 -2.72 -29.39 -2.53
C GLU A 495 -2.49 -30.60 -3.38
C GLU A 495 -2.44 -30.61 -3.40
N GLU A 496 -2.64 -31.82 -2.86
CA GLU A 496 -2.55 -33.01 -3.70
C GLU A 496 -3.68 -33.04 -4.73
N VAL A 497 -4.88 -32.65 -4.32
CA VAL A 497 -6.01 -32.56 -5.24
C VAL A 497 -5.76 -31.51 -6.30
N LEU A 498 -5.35 -30.29 -5.87
CA LEU A 498 -5.05 -29.24 -6.82
C LEU A 498 -3.98 -29.69 -7.81
N THR A 499 -2.97 -30.42 -7.32
CA THR A 499 -1.92 -30.90 -8.21
C THR A 499 -2.49 -31.82 -9.30
N GLN A 500 -3.39 -32.74 -8.93
CA GLN A 500 -3.94 -33.64 -9.94
C GLN A 500 -4.86 -32.91 -10.91
N LEU A 501 -5.47 -31.79 -10.48
CA LEU A 501 -6.35 -31.04 -11.37
C LEU A 501 -5.59 -30.28 -12.45
N LYS A 502 -4.27 -30.13 -12.30
CA LYS A 502 -3.51 -29.31 -13.25
C LYS A 502 -3.53 -29.87 -14.66
N GLN A 503 -3.43 -31.21 -14.81
CA GLN A 503 -3.18 -31.74 -16.14
C GLN A 503 -4.30 -31.40 -17.11
N ASN A 504 -5.55 -31.49 -16.68
CA ASN A 504 -6.66 -31.19 -17.58
C ASN A 504 -7.24 -29.79 -17.37
N ASP A 505 -6.51 -28.91 -16.67
CA ASP A 505 -6.95 -27.53 -16.50
C ASP A 505 -6.68 -26.75 -17.77
N SER A 506 -7.64 -25.92 -18.18
CA SER A 506 -7.49 -25.07 -19.36
C SER A 506 -8.55 -23.98 -19.32
N LYS A 507 -8.54 -23.12 -20.35
CA LYS A 507 -9.55 -22.09 -20.44
C LYS A 507 -10.96 -22.68 -20.53
N ASP A 508 -11.09 -23.89 -21.09
CA ASP A 508 -12.39 -24.52 -21.20
C ASP A 508 -12.74 -25.36 -19.98
N ASN A 509 -11.81 -25.48 -19.04
CA ASN A 509 -12.02 -26.26 -17.82
C ASN A 509 -11.10 -25.73 -16.74
N PRO A 510 -11.39 -24.50 -16.22
CA PRO A 510 -10.51 -23.84 -15.23
C PRO A 510 -10.78 -24.39 -13.82
N GLN A 511 -10.46 -25.68 -13.64
CA GLN A 511 -10.85 -26.38 -12.42
C GLN A 511 -9.89 -26.14 -11.25
N VAL A 512 -8.64 -25.79 -11.50
CA VAL A 512 -7.75 -25.44 -10.39
C VAL A 512 -8.29 -24.22 -9.66
N GLN A 513 -8.60 -23.16 -10.40
CA GLN A 513 -9.13 -21.96 -9.75
C GLN A 513 -10.55 -22.20 -9.23
N ALA A 514 -11.30 -23.11 -9.84
CA ALA A 514 -12.64 -23.41 -9.33
C ALA A 514 -12.57 -23.92 -7.91
N LEU A 515 -11.66 -24.87 -7.64
CA LEU A 515 -11.50 -25.35 -6.28
C LEU A 515 -10.85 -24.31 -5.40
N ASN A 516 -9.84 -23.62 -5.95
CA ASN A 516 -9.09 -22.69 -5.11
C ASN A 516 -9.93 -21.51 -4.67
N THR A 517 -10.90 -21.09 -5.49
CA THR A 517 -11.79 -20.00 -5.10
C THR A 517 -12.59 -20.36 -3.85
N LEU A 518 -12.94 -21.64 -3.69
CA LEU A 518 -13.62 -22.08 -2.49
C LEU A 518 -12.66 -22.14 -1.30
N VAL A 519 -11.48 -22.73 -1.51
CA VAL A 519 -10.43 -22.79 -0.50
C VAL A 519 -10.17 -21.42 0.10
N ALA A 520 -10.16 -20.39 -0.75
CA ALA A 520 -9.81 -19.04 -0.34
C ALA A 520 -10.72 -18.49 0.74
N GLN A 521 -11.94 -19.02 0.86
CA GLN A 521 -12.91 -18.53 1.84
C GLN A 521 -12.52 -18.85 3.27
N THR A 522 -11.75 -19.92 3.47
CA THR A 522 -11.49 -20.43 4.81
C THR A 522 -10.02 -20.77 5.03
N ASP A 523 -9.09 -20.22 4.21
CA ASP A 523 -7.68 -20.50 4.40
C ASP A 523 -7.03 -19.40 5.23
N SER A 524 -5.72 -19.49 5.40
CA SER A 524 -4.95 -18.51 6.15
C SER A 524 -4.48 -17.33 5.30
N TYR A 525 -4.90 -17.24 4.03
CA TYR A 525 -4.24 -16.37 3.06
C TYR A 525 -5.08 -15.12 2.78
N ASN A 526 -4.46 -13.95 2.97
CA ASN A 526 -4.96 -12.71 2.38
C ASN A 526 -3.83 -11.70 2.42
N TRP A 527 -3.77 -10.83 1.40
CA TRP A 527 -2.85 -9.69 1.49
C TRP A 527 -3.11 -8.90 2.76
N GLY A 528 -4.38 -8.74 3.11
CA GLY A 528 -4.75 -8.07 4.35
C GLY A 528 -5.03 -6.59 4.25
N TYR A 529 -5.42 -6.08 3.09
CA TYR A 529 -5.79 -4.67 2.98
C TYR A 529 -7.20 -4.45 3.52
N ASP A 530 -7.43 -4.94 4.73
CA ASP A 530 -8.77 -5.09 5.31
C ASP A 530 -8.66 -4.76 6.79
N PRO A 531 -8.54 -3.47 7.13
CA PRO A 531 -8.12 -3.11 8.50
C PRO A 531 -9.21 -3.37 9.52
N PHE A 532 -8.85 -4.10 10.57
CA PHE A 532 -9.71 -4.35 11.71
C PHE A 532 -9.28 -3.48 12.90
N HIS A 533 -8.00 -3.53 13.24
CA HIS A 533 -7.42 -2.62 14.23
C HIS A 533 -6.08 -2.12 13.71
N TYR A 534 -5.90 -0.79 13.73
CA TYR A 534 -4.76 -0.18 13.07
C TYR A 534 -3.46 -0.34 13.85
N THR A 535 -3.52 -0.65 15.15
CA THR A 535 -2.33 -0.51 15.97
C THR A 535 -2.10 -1.74 16.84
N VAL A 536 -2.49 -2.91 16.33
CA VAL A 536 -2.16 -4.20 16.93
C VAL A 536 -1.58 -5.06 15.80
N PRO A 537 -0.57 -5.89 16.06
CA PRO A 537 -0.14 -6.84 15.04
C PRO A 537 -1.25 -7.83 14.68
N GLU A 538 -1.19 -8.35 13.46
CA GLU A 538 -2.10 -9.40 13.04
C GLU A 538 -1.89 -10.67 13.88
N GLY A 539 -2.99 -11.31 14.27
CA GLY A 539 -2.91 -12.50 15.10
C GLY A 539 -2.57 -13.79 14.39
N SER A 540 -3.05 -13.99 13.16
CA SER A 540 -2.82 -15.27 12.50
C SER A 540 -1.35 -15.51 12.15
N TYR A 541 -0.53 -14.45 12.09
CA TYR A 541 0.89 -14.60 11.84
C TYR A 541 1.68 -14.91 13.10
N ALA A 542 1.02 -14.97 14.25
CA ALA A 542 1.67 -15.36 15.50
C ALA A 542 1.41 -16.83 15.77
N THR A 543 2.30 -17.47 16.51
CA THR A 543 2.05 -18.88 16.85
C THR A 543 0.91 -19.01 17.85
N ASP A 544 0.64 -17.96 18.62
CA ASP A 544 -0.44 -17.94 19.62
C ASP A 544 -1.16 -16.60 19.49
N PRO A 545 -2.35 -16.58 18.88
CA PRO A 545 -3.07 -15.32 18.66
C PRO A 545 -3.83 -14.82 19.89
N GLU A 546 -3.74 -15.51 21.01
CA GLU A 546 -4.52 -15.11 22.18
C GLU A 546 -3.70 -14.18 23.06
N GLY A 547 -4.08 -12.90 23.08
CA GLY A 547 -3.45 -12.00 24.04
C GLY A 547 -2.14 -11.41 23.52
N THR A 548 -1.23 -11.12 24.45
CA THR A 548 -0.06 -10.30 24.14
C THR A 548 1.05 -11.05 23.39
N ALA A 549 0.97 -12.38 23.25
CA ALA A 549 2.09 -13.15 22.72
C ALA A 549 2.55 -12.62 21.37
N ARG A 550 1.61 -12.22 20.51
CA ARG A 550 1.98 -11.78 19.16
C ARG A 550 2.90 -10.57 19.17
N ILE A 551 2.83 -9.76 20.23
CA ILE A 551 3.63 -8.53 20.29
C ILE A 551 5.10 -8.88 20.36
N LYS A 552 5.46 -9.81 21.24
CA LYS A 552 6.85 -10.22 21.32
C LYS A 552 7.31 -10.94 20.05
N GLU A 553 6.44 -11.78 19.46
CA GLU A 553 6.85 -12.48 18.24
C GLU A 553 7.07 -11.51 17.08
N PHE A 554 6.19 -10.51 16.95
CA PHE A 554 6.37 -9.46 15.94
C PHE A 554 7.70 -8.77 16.14
N ARG A 555 8.00 -8.38 17.38
CA ARG A 555 9.26 -7.69 17.64
C ARG A 555 10.45 -8.60 17.38
N THR A 556 10.32 -9.89 17.69
CA THR A 556 11.41 -10.82 17.41
C THR A 556 11.70 -10.85 15.91
N MET A 557 10.65 -10.82 15.09
CA MET A 557 10.84 -10.75 13.64
C MET A 557 11.52 -9.44 13.23
N ILE A 558 11.05 -8.31 13.75
CA ILE A 558 11.66 -7.02 13.40
C ILE A 558 13.13 -7.02 13.76
N GLN A 559 13.46 -7.56 14.94
CA GLN A 559 14.85 -7.63 15.36
C GLN A 559 15.65 -8.55 14.43
N ALA A 560 15.06 -9.68 14.04
CA ALA A 560 15.76 -10.59 13.15
C ALA A 560 16.06 -9.94 11.81
N ILE A 561 15.10 -9.20 11.26
CA ILE A 561 15.33 -8.54 9.97
C ILE A 561 16.46 -7.52 10.07
N LYS A 562 16.45 -6.71 11.13
CA LYS A 562 17.42 -5.63 11.25
C LYS A 562 18.79 -6.11 11.69
N GLN A 563 18.84 -6.93 12.74
CA GLN A 563 20.12 -7.36 13.31
C GLN A 563 20.72 -8.52 12.54
N ASP A 564 19.91 -9.51 12.17
CA ASP A 564 20.46 -10.73 11.57
C ASP A 564 20.45 -10.71 10.04
N LEU A 565 19.46 -10.09 9.42
CA LEU A 565 19.46 -9.97 7.96
C LEU A 565 19.99 -8.62 7.49
N GLY A 566 20.07 -7.62 8.37
CA GLY A 566 20.70 -6.36 8.07
C GLY A 566 19.89 -5.44 7.18
N MET A 567 18.56 -5.55 7.21
CA MET A 567 17.72 -4.71 6.39
C MET A 567 16.81 -3.85 7.26
N ASN A 568 16.50 -2.66 6.77
CA ASN A 568 15.49 -1.82 7.40
C ASN A 568 14.09 -2.39 7.12
N VAL A 569 13.09 -1.91 7.86
CA VAL A 569 11.73 -2.42 7.72
C VAL A 569 10.77 -1.27 7.40
N ILE A 570 9.98 -1.45 6.33
CA ILE A 570 8.86 -0.57 5.98
C ILE A 570 7.56 -1.33 6.23
N MET A 571 6.59 -0.67 6.84
CA MET A 571 5.25 -1.23 6.98
C MET A 571 4.28 -0.62 5.99
N ASP A 572 3.56 -1.48 5.27
N ASP A 572 3.51 -1.47 5.30
CA ASP A 572 2.34 -1.07 4.60
CA ASP A 572 2.39 -1.03 4.47
C ASP A 572 1.31 -0.63 5.62
C ASP A 572 1.20 -0.74 5.39
N VAL A 573 0.69 0.51 5.37
CA VAL A 573 -0.42 0.93 6.23
C VAL A 573 -1.59 1.36 5.37
N VAL A 574 -2.79 1.17 5.90
CA VAL A 574 -4.03 1.24 5.13
C VAL A 574 -5.06 2.07 5.88
N TYR A 575 -4.75 3.35 6.09
CA TYR A 575 -5.64 4.24 6.83
C TYR A 575 -6.73 4.84 5.97
N ASN A 576 -6.71 4.56 4.66
CA ASN A 576 -7.67 5.13 3.72
C ASN A 576 -9.04 4.45 3.78
N HIS A 577 -9.18 3.33 4.47
CA HIS A 577 -10.50 2.72 4.60
C HIS A 577 -10.52 1.81 5.81
N THR A 578 -11.73 1.47 6.24
CA THR A 578 -11.97 0.43 7.21
C THR A 578 -12.53 -0.80 6.51
N ASN A 579 -12.49 -1.94 7.21
CA ASN A 579 -13.02 -3.16 6.62
C ASN A 579 -14.54 -3.09 6.47
N ALA A 580 -15.22 -2.39 7.36
CA ALA A 580 -16.67 -2.31 7.35
C ALA A 580 -17.12 -1.07 8.11
N ALA A 581 -18.37 -0.71 7.88
CA ALA A 581 -19.00 0.41 8.59
C ALA A 581 -20.40 -0.03 8.99
N GLY A 582 -21.13 0.89 9.63
CA GLY A 582 -22.49 0.63 10.03
C GLY A 582 -22.61 -0.04 11.37
N PRO A 583 -23.85 -0.26 11.83
CA PRO A 583 -24.09 -0.73 13.20
C PRO A 583 -24.11 -2.23 13.42
N THR A 584 -23.93 -3.06 12.38
CA THR A 584 -24.12 -4.49 12.53
C THR A 584 -22.90 -5.35 12.18
N ASP A 585 -22.01 -4.91 11.29
CA ASP A 585 -20.90 -5.76 10.88
C ASP A 585 -19.94 -6.00 12.04
N ARG A 586 -19.53 -7.27 12.19
CA ARG A 586 -18.57 -7.69 13.21
C ARG A 586 -17.31 -6.82 13.21
N THR A 587 -16.88 -6.37 12.03
CA THR A 587 -15.60 -5.67 11.91
C THR A 587 -15.76 -4.16 11.85
N SER A 588 -16.98 -3.64 11.98
CA SER A 588 -17.18 -2.20 12.06
C SER A 588 -16.88 -1.78 13.49
N VAL A 589 -15.79 -1.05 13.67
CA VAL A 589 -15.35 -0.58 14.97
C VAL A 589 -15.58 0.92 15.10
N LEU A 590 -14.89 1.72 14.28
CA LEU A 590 -14.99 3.16 14.37
C LEU A 590 -16.41 3.66 14.11
N ASP A 591 -17.10 3.07 13.11
CA ASP A 591 -18.41 3.59 12.75
C ASP A 591 -19.50 3.11 13.69
N LYS A 592 -19.19 2.19 14.61
CA LYS A 592 -20.12 1.91 15.70
C LYS A 592 -19.97 2.91 16.84
N ILE A 593 -18.76 3.40 17.08
CA ILE A 593 -18.50 4.22 18.27
C ILE A 593 -18.83 5.69 18.02
N VAL A 594 -18.43 6.23 16.87
CA VAL A 594 -18.86 7.57 16.47
C VAL A 594 -19.44 7.47 15.07
N PRO A 595 -20.71 7.06 14.94
CA PRO A 595 -21.31 6.87 13.61
C PRO A 595 -21.22 8.09 12.72
N TRP A 596 -20.90 7.84 11.45
CA TRP A 596 -20.86 8.81 10.37
C TRP A 596 -19.74 9.85 10.51
N TYR A 597 -18.78 9.60 11.41
CA TYR A 597 -17.67 10.54 11.57
C TYR A 597 -16.39 10.05 10.90
N TYR A 598 -16.02 8.79 11.12
CA TYR A 598 -14.74 8.30 10.63
C TYR A 598 -14.77 7.85 9.18
N GLN A 599 -15.95 7.81 8.56
CA GLN A 599 -16.10 7.38 7.18
C GLN A 599 -16.46 8.58 6.30
N ARG A 600 -15.99 8.56 5.05
CA ARG A 600 -16.39 9.58 4.10
C ARG A 600 -17.73 9.18 3.49
N LEU A 601 -18.68 10.12 3.47
CA LEU A 601 -20.04 9.85 3.04
C LEU A 601 -20.38 10.61 1.77
N ASN A 602 -21.28 10.03 0.98
CA ASN A 602 -21.87 10.76 -0.14
C ASN A 602 -22.65 11.97 0.38
N GLU A 603 -22.50 13.11 -0.31
CA GLU A 603 -23.06 14.36 0.17
C GLU A 603 -24.58 14.36 0.20
N THR A 604 -25.21 13.53 -0.63
CA THR A 604 -26.66 13.51 -0.77
C THR A 604 -27.30 12.38 0.03
N THR A 605 -26.76 11.17 -0.06
CA THR A 605 -27.40 10.00 0.54
C THR A 605 -26.88 9.68 1.94
N GLY A 606 -25.69 10.15 2.30
CA GLY A 606 -25.07 9.72 3.53
C GLY A 606 -24.49 8.31 3.48
N SER A 607 -24.50 7.66 2.33
CA SER A 607 -23.92 6.32 2.23
C SER A 607 -22.39 6.40 2.30
N VAL A 608 -21.79 5.41 2.97
CA VAL A 608 -20.33 5.37 3.04
C VAL A 608 -19.77 5.12 1.65
N GLU A 609 -18.83 5.97 1.23
CA GLU A 609 -18.27 5.83 -0.11
C GLU A 609 -17.33 4.64 -0.19
N SER A 610 -17.10 4.16 -1.41
CA SER A 610 -16.33 2.93 -1.61
C SER A 610 -15.31 3.09 -2.72
N ALA A 611 -14.79 4.30 -2.90
CA ALA A 611 -13.79 4.54 -3.94
C ALA A 611 -12.53 3.70 -3.72
N THR A 612 -12.23 3.36 -2.46
CA THR A 612 -11.01 2.60 -2.16
C THR A 612 -11.13 1.13 -2.52
N CYS A 613 -12.35 0.60 -2.48
CA CYS A 613 -12.72 -0.81 -2.62
C CYS A 613 -13.83 -1.09 -1.62
N CYS A 614 -13.76 -0.39 -0.49
CA CYS A 614 -14.30 -0.89 0.75
C CYS A 614 -15.04 0.24 1.47
N SER A 615 -14.79 0.47 2.77
CA SER A 615 -15.49 1.51 3.51
C SER A 615 -14.56 2.72 3.67
N ASP A 616 -14.70 3.71 2.78
CA ASP A 616 -13.76 4.83 2.73
C ASP A 616 -13.73 5.57 4.06
N SER A 617 -12.52 5.85 4.53
CA SER A 617 -12.35 6.61 5.77
C SER A 617 -12.29 8.11 5.46
N ALA A 618 -12.24 8.92 6.51
CA ALA A 618 -12.20 10.38 6.37
C ALA A 618 -11.02 10.98 7.12
N PRO A 619 -9.80 10.82 6.59
CA PRO A 619 -8.62 11.44 7.23
C PRO A 619 -8.66 12.96 7.24
N GLU A 620 -9.60 13.58 6.51
CA GLU A 620 -9.79 15.03 6.61
C GLU A 620 -10.50 15.45 7.90
N HIS A 621 -11.04 14.51 8.67
CA HIS A 621 -11.66 14.83 9.94
C HIS A 621 -10.63 14.73 11.06
N ARG A 622 -10.66 15.70 11.97
CA ARG A 622 -9.52 15.93 12.86
C ARG A 622 -9.22 14.72 13.74
N MET A 623 -10.24 14.05 14.28
CA MET A 623 -9.95 12.96 15.20
C MET A 623 -9.53 11.68 14.51
N PHE A 624 -9.82 11.51 13.21
CA PHE A 624 -9.21 10.40 12.50
C PHE A 624 -7.77 10.73 12.08
N ALA A 625 -7.50 11.97 11.68
CA ALA A 625 -6.11 12.38 11.51
C ALA A 625 -5.31 12.12 12.78
N LYS A 626 -5.88 12.43 13.95
CA LYS A 626 -5.17 12.15 15.20
C LYS A 626 -4.97 10.66 15.41
N LEU A 627 -6.02 9.85 15.16
CA LEU A 627 -5.88 8.41 15.29
C LEU A 627 -4.74 7.91 14.41
N ILE A 628 -4.66 8.40 13.18
CA ILE A 628 -3.59 7.96 12.27
C ILE A 628 -2.23 8.31 12.85
N ALA A 629 -2.04 9.57 13.27
CA ALA A 629 -0.74 9.96 13.78
C ALA A 629 -0.39 9.20 15.06
N ASP A 630 -1.37 9.02 15.96
CA ASP A 630 -1.09 8.25 17.18
C ASP A 630 -0.72 6.82 16.86
N SER A 631 -1.38 6.22 15.86
CA SER A 631 -1.08 4.85 15.46
C SER A 631 0.33 4.74 14.90
N LEU A 632 0.68 5.64 13.97
CA LEU A 632 2.04 5.68 13.43
C LEU A 632 3.07 5.87 14.54
N ALA A 633 2.73 6.63 15.58
CA ALA A 633 3.69 6.84 16.66
C ALA A 633 4.01 5.54 17.38
N VAL A 634 3.00 4.67 17.57
CA VAL A 634 3.26 3.39 18.21
C VAL A 634 4.12 2.50 17.32
N TRP A 635 3.77 2.41 16.05
CA TRP A 635 4.60 1.58 15.16
C TRP A 635 6.04 2.08 15.12
N THR A 636 6.22 3.40 15.14
CA THR A 636 7.56 3.98 15.12
C THR A 636 8.32 3.71 16.41
N THR A 637 7.71 4.06 17.55
CA THR A 637 8.43 3.99 18.81
C THR A 637 8.45 2.57 19.39
N ASP A 638 7.30 1.92 19.45
CA ASP A 638 7.21 0.65 20.12
C ASP A 638 7.61 -0.53 19.25
N TYR A 639 7.52 -0.41 17.93
CA TYR A 639 7.89 -1.51 17.05
C TYR A 639 9.09 -1.21 16.16
N LYS A 640 9.64 0.01 16.25
CA LYS A 640 10.89 0.39 15.58
C LYS A 640 10.81 0.20 14.07
N ILE A 641 9.69 0.60 13.49
CA ILE A 641 9.51 0.60 12.04
C ILE A 641 10.26 1.77 11.43
N ASP A 642 10.93 1.54 10.30
CA ASP A 642 11.81 2.57 9.73
C ASP A 642 11.13 3.45 8.69
N GLY A 643 10.03 2.99 8.11
CA GLY A 643 9.33 3.83 7.15
C GLY A 643 7.96 3.25 6.90
N PHE A 644 7.14 4.03 6.20
CA PHE A 644 5.73 3.66 6.05
C PHE A 644 5.31 3.91 4.62
N ARG A 645 4.64 2.91 4.04
CA ARG A 645 4.05 3.02 2.70
C ARG A 645 2.54 3.18 2.89
N PHE A 646 2.02 4.34 2.50
CA PHE A 646 0.60 4.63 2.66
C PHE A 646 -0.18 4.07 1.49
N ASP A 647 -0.95 3.02 1.73
CA ASP A 647 -1.90 2.53 0.75
C ASP A 647 -2.83 3.67 0.33
N LEU A 648 -3.05 3.81 -0.98
CA LEU A 648 -4.01 4.77 -1.54
C LEU A 648 -3.91 6.13 -0.86
N MET A 649 -2.68 6.65 -0.82
CA MET A 649 -2.41 7.94 -0.18
C MET A 649 -3.19 9.06 -0.82
N LEU A 650 -3.64 8.88 -2.06
CA LEU A 650 -4.38 9.90 -2.80
C LEU A 650 -5.72 10.24 -2.17
N TYR A 651 -6.24 9.38 -1.29
CA TYR A 651 -7.47 9.67 -0.56
C TYR A 651 -7.23 10.41 0.75
N HIS A 652 -5.97 10.78 1.03
CA HIS A 652 -5.62 11.58 2.19
C HIS A 652 -5.34 13.01 1.79
N PRO A 653 -5.68 14.00 2.62
CA PRO A 653 -5.23 15.37 2.33
C PRO A 653 -3.72 15.48 2.42
N LYS A 654 -3.13 16.22 1.47
CA LYS A 654 -1.73 16.59 1.58
C LYS A 654 -1.40 17.09 2.98
N ALA A 655 -2.22 18.01 3.50
CA ALA A 655 -1.95 18.61 4.81
C ALA A 655 -1.92 17.58 5.92
N GLN A 656 -2.73 16.52 5.82
CA GLN A 656 -2.77 15.52 6.87
C GLN A 656 -1.53 14.62 6.83
N ILE A 657 -1.12 14.18 5.63
CA ILE A 657 0.09 13.38 5.54
C ILE A 657 1.29 14.17 6.06
N LEU A 658 1.38 15.45 5.69
CA LEU A 658 2.50 16.28 6.14
C LEU A 658 2.46 16.50 7.65
N SER A 659 1.26 16.73 8.22
CA SER A 659 1.16 16.88 9.66
C SER A 659 1.59 15.60 10.38
N ALA A 660 1.13 14.43 9.89
CA ALA A 660 1.61 13.18 10.46
C ALA A 660 3.13 13.06 10.38
N TRP A 661 3.73 13.45 9.24
CA TRP A 661 5.17 13.33 9.10
C TRP A 661 5.88 14.22 10.10
N GLU A 662 5.39 15.45 10.27
CA GLU A 662 5.93 16.37 11.28
C GLU A 662 5.89 15.72 12.66
N ARG A 663 4.78 15.06 13.00
N ARG A 663 4.73 15.14 13.02
CA ARG A 663 4.64 14.49 14.34
CA ARG A 663 4.60 14.44 14.30
C ARG A 663 5.54 13.27 14.51
C ARG A 663 5.66 13.37 14.44
N ILE A 664 5.71 12.45 13.47
CA ILE A 664 6.55 11.27 13.60
C ILE A 664 8.04 11.64 13.56
N LYS A 665 8.41 12.70 12.83
CA LYS A 665 9.81 13.11 12.79
C LYS A 665 10.29 13.55 14.17
N ALA A 666 9.38 13.99 15.04
CA ALA A 666 9.79 14.30 16.41
C ALA A 666 10.19 13.05 17.17
N LEU A 667 9.65 11.88 16.79
CA LEU A 667 9.98 10.62 17.43
C LEU A 667 11.15 9.91 16.79
N ASN A 668 11.23 9.97 15.46
CA ASN A 668 12.30 9.33 14.71
C ASN A 668 12.61 10.31 13.57
N PRO A 669 13.68 11.10 13.69
CA PRO A 669 13.92 12.16 12.71
C PRO A 669 14.20 11.63 11.32
N ASP A 670 14.51 10.35 11.18
CA ASP A 670 14.89 9.78 9.88
C ASP A 670 13.79 8.92 9.29
N ILE A 671 12.58 8.98 9.83
CA ILE A 671 11.47 8.19 9.29
C ILE A 671 11.19 8.64 7.85
N TYR A 672 10.84 7.68 7.00
CA TYR A 672 10.52 7.97 5.60
C TYR A 672 9.08 7.59 5.32
N PHE A 673 8.33 8.50 4.70
CA PHE A 673 6.95 8.27 4.26
C PHE A 673 6.90 8.25 2.74
N PHE A 674 6.12 7.34 2.18
CA PHE A 674 5.79 7.35 0.76
C PHE A 674 4.46 6.64 0.56
N GLY A 675 3.90 6.75 -0.64
CA GLY A 675 2.65 6.02 -0.86
C GLY A 675 2.18 6.13 -2.30
N GLU A 676 0.97 5.61 -2.53
CA GLU A 676 0.31 5.68 -3.83
C GLU A 676 -0.34 7.04 -3.98
N GLY A 677 0.30 7.94 -4.72
CA GLY A 677 -0.25 9.26 -4.92
C GLY A 677 -0.79 9.50 -6.32
N TRP A 678 -1.59 8.56 -6.82
CA TRP A 678 -2.20 8.74 -8.13
C TRP A 678 -3.19 9.91 -8.09
N ASP A 679 -3.66 10.32 -9.27
CA ASP A 679 -4.68 11.37 -9.34
C ASP A 679 -6.03 10.81 -8.90
N SER A 680 -6.65 11.45 -7.90
CA SER A 680 -7.94 11.01 -7.36
C SER A 680 -9.00 12.06 -7.61
N ASN A 681 -10.26 11.65 -7.44
CA ASN A 681 -11.39 12.54 -7.60
C ASN A 681 -11.91 13.07 -6.26
N GLN A 682 -11.08 13.03 -5.22
CA GLN A 682 -11.34 13.73 -3.98
C GLN A 682 -10.83 15.16 -4.00
N SER A 683 -10.34 15.63 -5.15
CA SER A 683 -9.76 16.96 -5.25
C SER A 683 -10.79 18.06 -5.01
N ASP A 684 -12.08 17.74 -5.07
CA ASP A 684 -13.10 18.72 -4.76
C ASP A 684 -13.23 18.99 -3.27
N ARG A 685 -12.80 18.06 -2.41
CA ARG A 685 -12.95 18.21 -0.96
C ARG A 685 -11.73 18.79 -0.26
N PHE A 686 -10.53 18.57 -0.80
CA PHE A 686 -9.29 19.03 -0.19
C PHE A 686 -8.16 18.79 -1.19
N GLU A 687 -7.02 19.44 -0.95
CA GLU A 687 -5.84 19.19 -1.77
C GLU A 687 -5.27 17.82 -1.42
N ILE A 688 -5.21 16.93 -2.42
CA ILE A 688 -4.89 15.53 -2.17
C ILE A 688 -3.38 15.32 -2.13
N ALA A 689 -2.98 14.24 -1.45
CA ALA A 689 -1.58 13.85 -1.33
C ALA A 689 -1.17 13.01 -2.55
N SER A 690 -1.01 13.71 -3.67
CA SER A 690 -0.71 13.14 -4.97
C SER A 690 0.74 13.42 -5.38
N GLN A 691 1.16 12.70 -6.43
CA GLN A 691 2.47 12.93 -7.05
C GLN A 691 2.69 14.41 -7.33
N ILE A 692 1.72 15.06 -7.97
CA ILE A 692 1.88 16.46 -8.36
C ILE A 692 1.96 17.35 -7.12
N ASN A 693 1.04 17.16 -6.17
CA ASN A 693 0.96 18.09 -5.04
C ASN A 693 2.07 17.88 -4.02
N LEU A 694 2.74 16.72 -4.01
CA LEU A 694 3.79 16.48 -3.03
C LEU A 694 5.18 16.90 -3.51
N LYS A 695 5.28 17.49 -4.69
CA LYS A 695 6.58 17.93 -5.20
C LYS A 695 7.26 18.84 -4.18
N GLY A 696 8.51 18.49 -3.85
CA GLY A 696 9.30 19.30 -2.95
C GLY A 696 9.07 19.05 -1.47
N THR A 697 8.12 18.16 -1.10
CA THR A 697 7.81 17.94 0.31
C THR A 697 8.71 16.91 0.98
N GLY A 698 9.35 16.03 0.22
CA GLY A 698 10.06 14.92 0.80
C GLY A 698 9.22 13.68 1.05
N ILE A 699 7.91 13.71 0.76
CA ILE A 699 7.06 12.52 0.77
C ILE A 699 7.20 11.81 -0.57
N GLY A 700 7.55 10.53 -0.55
CA GLY A 700 7.71 9.80 -1.80
C GLY A 700 6.38 9.32 -2.38
N THR A 701 6.39 9.09 -3.69
CA THR A 701 5.25 8.47 -4.36
C THR A 701 5.76 7.44 -5.36
N PHE A 702 5.01 6.36 -5.50
CA PHE A 702 5.28 5.44 -6.59
C PHE A 702 5.13 6.17 -7.92
N SER A 703 6.08 5.95 -8.83
CA SER A 703 5.96 6.50 -10.18
C SER A 703 5.44 5.44 -11.14
N ASP A 704 4.40 5.79 -11.88
CA ASP A 704 3.84 4.92 -12.89
C ASP A 704 4.45 5.16 -14.27
N ARG A 705 5.33 6.15 -14.40
CA ARG A 705 5.91 6.51 -15.68
C ARG A 705 6.90 5.45 -16.17
N LEU A 706 8.03 5.28 -15.47
CA LEU A 706 8.97 4.24 -15.88
C LEU A 706 8.32 2.86 -15.83
N ARG A 707 7.55 2.59 -14.78
CA ARG A 707 6.80 1.34 -14.64
C ARG A 707 6.11 0.94 -15.94
N ASP A 708 5.25 1.83 -16.46
CA ASP A 708 4.50 1.45 -17.65
C ASP A 708 5.35 1.47 -18.91
N ALA A 709 6.34 2.36 -18.97
CA ALA A 709 7.20 2.40 -20.16
C ALA A 709 7.99 1.10 -20.30
N VAL A 710 8.45 0.55 -19.18
CA VAL A 710 9.29 -0.65 -19.23
C VAL A 710 8.45 -1.93 -19.27
N ARG A 711 7.38 -1.99 -18.46
CA ARG A 711 6.50 -3.15 -18.51
C ARG A 711 5.69 -3.20 -19.81
N GLY A 712 5.33 -2.04 -20.33
CA GLY A 712 4.38 -1.93 -21.42
C GLY A 712 2.96 -1.83 -20.92
N GLY A 713 2.15 -1.08 -21.66
CA GLY A 713 0.73 -1.03 -21.36
C GLY A 713 0.41 -0.33 -20.05
N GLY A 714 -0.69 -0.75 -19.43
CA GLY A 714 -1.14 -0.23 -18.15
C GLY A 714 -1.92 -1.25 -17.34
N PRO A 715 -2.21 -0.93 -16.08
CA PRO A 715 -2.87 -1.92 -15.20
C PRO A 715 -4.25 -2.33 -15.68
N PHE A 716 -4.93 -1.47 -16.45
CA PHE A 716 -6.30 -1.72 -16.86
C PHE A 716 -6.40 -2.53 -18.15
N ASP A 717 -5.26 -2.91 -18.75
CA ASP A 717 -5.30 -3.66 -20.00
C ASP A 717 -5.96 -5.01 -19.82
N SER A 718 -6.69 -5.44 -20.84
CA SER A 718 -7.25 -6.79 -20.84
C SER A 718 -7.28 -7.30 -22.27
N GLY A 719 -7.43 -8.62 -22.40
CA GLY A 719 -7.53 -9.24 -23.70
C GLY A 719 -6.26 -9.04 -24.50
N ASP A 720 -6.42 -8.86 -25.81
CA ASP A 720 -5.25 -8.76 -26.68
C ASP A 720 -4.37 -7.56 -26.35
N ALA A 721 -4.89 -6.54 -25.66
CA ALA A 721 -4.04 -5.40 -25.30
C ALA A 721 -2.88 -5.84 -24.41
N LEU A 722 -3.08 -6.88 -23.61
CA LEU A 722 -2.00 -7.37 -22.75
C LEU A 722 -0.80 -7.81 -23.57
N ARG A 723 -1.02 -8.34 -24.76
CA ARG A 723 0.08 -8.73 -25.64
C ARG A 723 0.51 -7.59 -26.57
N GLN A 724 -0.44 -6.82 -27.09
CA GLN A 724 -0.09 -5.75 -28.02
C GLN A 724 0.83 -4.71 -27.38
N ASN A 725 0.61 -4.43 -26.09
CA ASN A 725 1.27 -3.28 -25.45
C ASN A 725 2.62 -3.69 -24.86
N GLN A 726 3.58 -3.92 -25.76
CA GLN A 726 4.94 -4.24 -25.34
C GLN A 726 5.60 -3.03 -24.68
N GLY A 727 6.58 -3.32 -23.83
CA GLY A 727 7.35 -2.29 -23.14
C GLY A 727 8.80 -2.31 -23.59
N VAL A 728 9.55 -1.34 -23.07
CA VAL A 728 10.99 -1.32 -23.36
C VAL A 728 11.63 -2.63 -22.93
N GLY A 729 11.18 -3.21 -21.82
CA GLY A 729 11.79 -4.43 -21.33
C GLY A 729 11.41 -5.66 -22.11
N SER A 730 10.34 -5.61 -22.90
CA SER A 730 9.89 -6.74 -23.70
C SER A 730 9.95 -6.46 -25.20
N GLY A 731 10.75 -5.47 -25.59
CA GLY A 731 11.10 -5.32 -26.99
C GLY A 731 10.17 -4.45 -27.82
N ALA A 732 9.52 -3.46 -27.22
CA ALA A 732 8.71 -2.53 -27.99
C ALA A 732 9.50 -1.98 -29.17
N GLY A 733 8.92 -2.09 -30.37
CA GLY A 733 9.60 -1.60 -31.56
C GLY A 733 10.62 -2.59 -32.12
N VAL A 734 11.60 -2.95 -31.28
CA VAL A 734 12.75 -3.70 -31.77
C VAL A 734 12.52 -5.21 -31.88
N LEU A 735 11.56 -5.78 -31.15
CA LEU A 735 11.27 -7.21 -31.26
C LEU A 735 9.76 -7.40 -31.16
N PRO A 736 9.03 -6.95 -32.18
CA PRO A 736 7.57 -6.95 -32.09
C PRO A 736 6.99 -8.36 -32.14
N ASN A 737 5.89 -8.54 -31.40
CA ASN A 737 5.14 -9.78 -31.48
C ASN A 737 4.16 -9.68 -32.65
N GLU A 738 3.32 -10.71 -32.80
CA GLU A 738 2.48 -10.81 -33.98
C GLU A 738 1.22 -9.94 -33.91
N LEU A 739 0.89 -9.39 -32.75
CA LEU A 739 -0.32 -8.58 -32.59
C LEU A 739 -0.06 -7.10 -32.49
N THR A 740 1.12 -6.67 -32.05
CA THR A 740 1.36 -5.27 -31.74
C THR A 740 1.35 -4.42 -32.99
N THR A 741 0.87 -3.18 -32.85
CA THR A 741 0.99 -2.17 -33.89
C THR A 741 1.86 -1.00 -33.43
N LEU A 742 2.64 -1.19 -32.37
CA LEU A 742 3.48 -0.11 -31.84
C LEU A 742 4.43 0.43 -32.90
N SER A 743 4.44 1.74 -33.05
CA SER A 743 5.33 2.39 -34.00
C SER A 743 6.70 2.64 -33.35
N ASP A 744 7.69 2.92 -34.20
CA ASP A 744 9.00 3.29 -33.72
C ASP A 744 8.94 4.56 -32.89
N ASP A 745 8.13 5.52 -33.32
CA ASP A 745 7.92 6.75 -32.56
C ASP A 745 7.37 6.45 -31.17
N GLN A 746 6.40 5.54 -31.08
CA GLN A 746 5.83 5.18 -29.79
C GLN A 746 6.85 4.48 -28.91
N ALA A 747 7.66 3.58 -29.48
CA ALA A 747 8.69 2.93 -28.68
C ALA A 747 9.68 3.94 -28.15
N ARG A 748 10.05 4.93 -28.95
CA ARG A 748 11.02 5.92 -28.51
C ARG A 748 10.43 6.85 -27.46
N HIS A 749 9.12 7.06 -27.49
CA HIS A 749 8.48 7.79 -26.40
C HIS A 749 8.62 7.03 -25.09
N LEU A 750 8.41 5.72 -25.11
CA LEU A 750 8.59 4.93 -23.89
C LEU A 750 10.02 5.03 -23.39
N ALA A 751 11.00 5.11 -24.29
CA ALA A 751 12.38 5.29 -23.86
C ALA A 751 12.61 6.65 -23.23
N ASP A 752 11.93 7.70 -23.72
CA ASP A 752 12.02 9.01 -23.08
C ASP A 752 11.51 8.93 -21.65
N LEU A 753 10.37 8.28 -21.43
CA LEU A 753 9.86 8.13 -20.07
C LEU A 753 10.83 7.34 -19.21
N THR A 754 11.47 6.33 -19.81
CA THR A 754 12.38 5.47 -19.06
C THR A 754 13.65 6.23 -18.67
N ARG A 755 14.28 6.91 -19.62
N ARG A 755 14.27 6.93 -19.62
CA ARG A 755 15.42 7.76 -19.29
CA ARG A 755 15.42 7.76 -19.29
C ARG A 755 15.06 8.76 -18.20
C ARG A 755 15.07 8.77 -18.21
N LEU A 756 13.95 9.48 -18.38
CA LEU A 756 13.52 10.44 -17.37
C LEU A 756 13.38 9.79 -16.00
N GLY A 757 12.87 8.55 -15.95
CA GLY A 757 12.73 7.86 -14.67
C GLY A 757 14.06 7.42 -14.09
N MET A 758 15.00 7.01 -14.96
CA MET A 758 16.33 6.66 -14.49
C MET A 758 17.05 7.86 -13.89
N ALA A 759 16.67 9.08 -14.30
CA ALA A 759 17.20 10.29 -13.71
C ALA A 759 16.31 10.83 -12.59
N GLY A 760 15.40 10.02 -12.05
CA GLY A 760 14.63 10.39 -10.88
C GLY A 760 13.27 11.00 -11.14
N ASN A 761 12.81 11.02 -12.39
CA ASN A 761 11.52 11.56 -12.81
C ASN A 761 11.30 12.98 -12.29
N LEU A 762 12.33 13.80 -12.47
CA LEU A 762 12.29 15.19 -12.00
C LEU A 762 11.55 16.09 -12.98
N ALA A 763 10.77 17.03 -12.45
CA ALA A 763 10.07 17.99 -13.29
C ALA A 763 11.04 18.84 -14.11
N ASP A 764 12.20 19.19 -13.55
CA ASP A 764 13.08 20.17 -14.16
C ASP A 764 14.31 19.57 -14.82
N PHE A 765 14.47 18.25 -14.79
CA PHE A 765 15.58 17.63 -15.50
C PHE A 765 15.46 17.86 -17.00
N VAL A 766 16.57 18.18 -17.66
CA VAL A 766 16.58 18.54 -19.08
C VAL A 766 17.13 17.39 -19.91
N LEU A 767 16.37 16.93 -20.89
CA LEU A 767 16.85 15.88 -21.76
C LEU A 767 16.50 16.20 -23.21
N ILE A 768 17.05 15.39 -24.11
CA ILE A 768 16.75 15.45 -25.54
C ILE A 768 15.75 14.34 -25.82
N ASP A 769 14.59 14.69 -26.36
CA ASP A 769 13.53 13.70 -26.54
C ASP A 769 13.66 13.00 -27.88
N LYS A 770 12.68 12.14 -28.18
CA LYS A 770 12.72 11.27 -29.35
C LYS A 770 12.83 12.03 -30.65
N ASP A 771 12.44 13.30 -30.67
CA ASP A 771 12.50 14.09 -31.89
C ASP A 771 13.69 15.04 -31.92
N GLY A 772 14.59 14.95 -30.94
CA GLY A 772 15.69 15.88 -30.87
C GLY A 772 15.39 17.19 -30.17
N ALA A 773 14.21 17.32 -29.58
CA ALA A 773 13.82 18.56 -28.91
C ALA A 773 14.32 18.59 -27.47
N VAL A 774 14.67 19.78 -27.01
CA VAL A 774 15.08 19.99 -25.63
C VAL A 774 13.84 20.09 -24.77
N LYS A 775 13.71 19.19 -23.78
CA LYS A 775 12.51 19.08 -22.96
C LYS A 775 12.87 18.97 -21.49
N ARG A 776 12.17 19.71 -20.65
CA ARG A 776 12.17 19.38 -19.23
C ARG A 776 11.33 18.14 -18.97
N GLY A 777 11.59 17.49 -17.84
CA GLY A 777 10.85 16.28 -17.49
C GLY A 777 9.35 16.51 -17.47
N SER A 778 8.92 17.68 -16.99
CA SER A 778 7.49 18.00 -16.95
C SER A 778 6.88 18.12 -18.34
N GLU A 779 7.70 18.23 -19.39
CA GLU A 779 7.20 18.35 -20.76
C GLU A 779 7.13 17.02 -21.50
N ILE A 780 7.66 15.95 -20.91
CA ILE A 780 7.51 14.61 -21.49
C ILE A 780 6.15 14.09 -21.06
N ASP A 781 5.30 13.79 -22.04
CA ASP A 781 3.92 13.44 -21.76
C ASP A 781 3.79 12.03 -21.19
N TYR A 782 2.92 11.87 -20.21
CA TYR A 782 2.52 10.55 -19.70
C TYR A 782 0.99 10.52 -19.69
N ASN A 783 0.40 10.04 -20.79
CA ASN A 783 -1.05 9.93 -20.94
C ASN A 783 -1.73 11.27 -20.65
N GLY A 784 -1.19 12.34 -21.21
CA GLY A 784 -1.76 13.66 -21.04
C GLY A 784 -1.27 14.43 -19.82
N ALA A 785 -0.56 13.77 -18.90
CA ALA A 785 -0.05 14.43 -17.72
C ALA A 785 1.42 14.77 -17.88
N PRO A 786 1.92 15.78 -17.17
CA PRO A 786 3.38 16.02 -17.14
C PRO A 786 4.08 14.80 -16.57
N GLY A 787 5.04 14.27 -17.33
CA GLY A 787 5.71 13.06 -16.92
C GLY A 787 6.54 13.22 -15.67
N GLY A 788 7.51 14.14 -15.72
CA GLY A 788 8.36 14.38 -14.56
C GLY A 788 7.64 15.28 -13.59
N TYR A 789 7.61 14.86 -12.31
CA TYR A 789 6.84 15.62 -11.33
C TYR A 789 7.61 15.96 -10.05
N ALA A 790 8.78 15.39 -9.82
CA ALA A 790 9.41 15.48 -8.51
C ALA A 790 10.45 16.59 -8.46
N ALA A 791 10.76 17.01 -7.23
CA ALA A 791 11.85 17.95 -6.98
C ALA A 791 13.18 17.25 -6.68
N ASP A 792 13.13 16.10 -6.02
CA ASP A 792 14.31 15.29 -5.73
C ASP A 792 14.00 13.84 -6.06
N PRO A 793 15.01 13.06 -6.44
CA PRO A 793 14.74 11.66 -6.79
C PRO A 793 14.27 10.82 -5.61
N THR A 794 14.52 11.26 -4.37
CA THR A 794 13.99 10.59 -3.20
C THR A 794 12.49 10.78 -3.05
N GLU A 795 11.86 11.60 -3.89
CA GLU A 795 10.39 11.68 -3.93
C GLU A 795 9.78 10.70 -4.90
N VAL A 796 10.59 9.87 -5.56
CA VAL A 796 10.13 8.98 -6.62
C VAL A 796 10.54 7.56 -6.28
N VAL A 797 9.56 6.66 -6.29
CA VAL A 797 9.78 5.23 -6.08
C VAL A 797 9.54 4.54 -7.43
N ASN A 798 10.62 4.10 -8.09
CA ASN A 798 10.53 3.40 -9.37
C ASN A 798 10.33 1.91 -9.14
N TYR A 799 9.61 1.27 -10.07
CA TYR A 799 9.37 -0.16 -9.95
C TYR A 799 8.85 -0.72 -11.27
N VAL A 800 9.07 -2.02 -11.47
CA VAL A 800 8.45 -2.72 -12.59
C VAL A 800 7.71 -3.97 -12.14
N SER A 801 7.56 -4.17 -10.83
CA SER A 801 6.71 -5.25 -10.33
C SER A 801 6.34 -4.94 -8.89
N LYS A 802 5.17 -5.42 -8.48
CA LYS A 802 4.61 -5.08 -7.18
C LYS A 802 3.54 -6.13 -6.90
N HIS A 803 3.05 -6.16 -5.66
CA HIS A 803 2.05 -7.17 -5.33
C HIS A 803 0.82 -7.01 -6.22
N ASP A 804 0.50 -5.77 -6.58
N ASP A 804 0.44 -5.79 -6.57
CA ASP A 804 -0.62 -5.44 -7.46
CA ASP A 804 -0.76 -5.61 -7.37
C ASP A 804 -0.32 -5.78 -8.91
C ASP A 804 -0.43 -5.65 -8.86
N ASN A 805 -1.35 -6.25 -9.63
CA ASN A 805 -1.25 -6.50 -11.06
C ASN A 805 -0.28 -7.63 -11.36
N GLN A 806 -0.08 -7.92 -12.64
CA GLN A 806 0.68 -9.09 -13.04
C GLN A 806 2.15 -8.95 -12.67
N THR A 807 2.77 -10.07 -12.32
CA THR A 807 4.19 -10.04 -12.07
C THR A 807 4.94 -9.67 -13.34
N LEU A 808 6.17 -9.18 -13.16
CA LEU A 808 7.01 -8.87 -14.32
C LEU A 808 7.12 -10.06 -15.26
N TRP A 809 7.38 -11.25 -14.72
CA TRP A 809 7.55 -12.42 -15.59
C TRP A 809 6.28 -12.71 -16.38
N ASP A 810 5.13 -12.58 -15.73
CA ASP A 810 3.88 -12.85 -16.43
C ASP A 810 3.61 -11.78 -17.50
N MET A 811 4.04 -10.55 -17.25
CA MET A 811 3.93 -9.51 -18.28
C MET A 811 4.84 -9.81 -19.47
N ILE A 812 6.09 -10.21 -19.21
CA ILE A 812 6.99 -10.59 -20.30
C ILE A 812 6.40 -11.79 -21.06
N SER A 813 5.74 -12.69 -20.34
CA SER A 813 5.15 -13.84 -21.03
C SER A 813 3.95 -13.43 -21.89
N TYR A 814 3.20 -12.42 -21.47
CA TYR A 814 2.13 -11.90 -22.31
C TYR A 814 2.68 -11.24 -23.57
N LYS A 815 3.83 -10.58 -23.45
CA LYS A 815 4.26 -9.58 -24.44
C LYS A 815 5.39 -10.04 -25.34
N ALA A 816 6.25 -10.95 -24.91
CA ALA A 816 7.43 -11.29 -25.68
C ALA A 816 7.06 -11.93 -27.02
N ALA A 817 7.81 -11.57 -28.05
CA ALA A 817 7.64 -12.21 -29.34
C ALA A 817 7.83 -13.72 -29.21
N GLN A 818 7.13 -14.47 -30.07
CA GLN A 818 7.19 -15.93 -29.96
C GLN A 818 8.62 -16.44 -30.13
N GLU A 819 9.44 -15.75 -30.91
CA GLU A 819 10.80 -16.22 -31.15
C GLU A 819 11.78 -15.80 -30.06
N ALA A 820 11.34 -15.06 -29.03
CA ALA A 820 12.22 -14.77 -27.90
C ALA A 820 12.30 -16.02 -27.04
N ASP A 821 13.48 -16.63 -26.97
CA ASP A 821 13.61 -17.89 -26.27
C ASP A 821 13.68 -17.67 -24.75
N LEU A 822 13.77 -18.77 -24.00
CA LEU A 822 13.69 -18.68 -22.55
C LEU A 822 14.84 -17.85 -21.99
N ASP A 823 16.07 -18.08 -22.46
N ASP A 823 16.06 -18.12 -22.46
CA ASP A 823 17.19 -17.30 -21.96
CA ASP A 823 17.24 -17.34 -22.08
C ASP A 823 17.04 -15.82 -22.29
C ASP A 823 17.00 -15.85 -22.29
N THR A 824 16.44 -15.50 -23.45
CA THR A 824 16.18 -14.11 -23.78
C THR A 824 15.18 -13.50 -22.80
N ARG A 825 14.13 -14.25 -22.46
CA ARG A 825 13.13 -13.71 -21.53
C ARG A 825 13.71 -13.48 -20.15
N VAL A 826 14.63 -14.34 -19.72
CA VAL A 826 15.30 -14.09 -18.44
C VAL A 826 16.09 -12.79 -18.52
N ARG A 827 16.79 -12.55 -19.64
CA ARG A 827 17.49 -11.27 -19.77
C ARG A 827 16.52 -10.10 -19.90
N MET A 828 15.34 -10.31 -20.49
CA MET A 828 14.33 -9.25 -20.48
C MET A 828 13.93 -8.90 -19.06
N GLN A 829 13.73 -9.90 -18.21
CA GLN A 829 13.42 -9.63 -16.81
C GLN A 829 14.52 -8.76 -16.18
N ALA A 830 15.79 -9.13 -16.41
CA ALA A 830 16.91 -8.40 -15.79
C ALA A 830 17.07 -7.01 -16.38
N VAL A 831 16.94 -6.89 -17.71
CA VAL A 831 16.99 -5.58 -18.36
C VAL A 831 15.89 -4.66 -17.83
N SER A 832 14.68 -5.20 -17.62
CA SER A 832 13.60 -4.41 -17.05
C SER A 832 13.96 -3.92 -15.66
N LEU A 833 14.47 -4.81 -14.81
CA LEU A 833 14.82 -4.43 -13.46
C LEU A 833 16.02 -3.50 -13.42
N ALA A 834 16.90 -3.57 -14.43
CA ALA A 834 18.07 -2.69 -14.45
C ALA A 834 17.67 -1.23 -14.53
N THR A 835 16.57 -0.91 -15.23
CA THR A 835 16.14 0.48 -15.31
C THR A 835 15.77 1.03 -13.95
N VAL A 836 15.30 0.16 -13.04
CA VAL A 836 14.99 0.57 -11.68
C VAL A 836 16.25 0.59 -10.82
N MET A 837 17.00 -0.51 -10.83
CA MET A 837 18.11 -0.68 -9.90
C MET A 837 19.26 0.28 -10.19
N LEU A 838 19.47 0.61 -11.46
CA LEU A 838 20.55 1.53 -11.81
C LEU A 838 20.06 2.96 -11.99
N GLY A 839 18.81 3.25 -11.58
CA GLY A 839 18.26 4.58 -11.68
C GLY A 839 18.36 5.36 -10.37
N GLN A 840 18.11 6.67 -10.48
CA GLN A 840 18.30 7.58 -9.35
C GLN A 840 17.12 7.59 -8.40
N GLY A 841 15.94 7.18 -8.86
CA GLY A 841 14.82 7.03 -7.95
C GLY A 841 15.08 5.93 -6.94
N ILE A 842 14.33 6.00 -5.84
CA ILE A 842 14.34 4.88 -4.91
C ILE A 842 13.88 3.64 -5.65
N ALA A 843 14.52 2.51 -5.36
CA ALA A 843 14.29 1.26 -6.09
C ALA A 843 13.35 0.38 -5.29
N PHE A 844 12.27 -0.07 -5.93
CA PHE A 844 11.25 -0.89 -5.29
C PHE A 844 11.00 -2.11 -6.17
N ASP A 845 10.79 -3.27 -5.53
CA ASP A 845 10.55 -4.48 -6.29
C ASP A 845 9.75 -5.48 -5.46
N GLN A 846 9.06 -6.35 -6.18
CA GLN A 846 8.27 -7.43 -5.60
C GLN A 846 9.18 -8.58 -5.15
N GLN A 847 8.94 -9.10 -3.96
CA GLN A 847 9.52 -10.37 -3.52
C GLN A 847 9.44 -11.39 -4.64
N GLY A 848 10.58 -11.92 -5.05
CA GLY A 848 10.58 -12.99 -6.04
C GLY A 848 10.84 -12.57 -7.48
N SER A 849 10.94 -11.28 -7.78
CA SER A 849 11.35 -10.92 -9.15
C SER A 849 12.68 -11.54 -9.50
N GLU A 850 13.57 -11.72 -8.51
CA GLU A 850 14.86 -12.35 -8.72
C GLU A 850 14.74 -13.84 -8.98
N LEU A 851 13.56 -14.42 -8.75
CA LEU A 851 13.24 -15.80 -9.06
C LEU A 851 12.22 -15.91 -10.20
N LEU A 852 12.11 -14.87 -11.04
CA LEU A 852 11.18 -14.87 -12.17
C LEU A 852 9.75 -15.15 -11.74
N ARG A 853 9.36 -14.65 -10.57
CA ARG A 853 8.10 -15.06 -9.96
C ARG A 853 6.92 -14.94 -10.91
N SER A 854 6.10 -15.99 -10.94
CA SER A 854 4.84 -16.02 -11.67
C SER A 854 3.69 -16.23 -10.70
N LYS A 855 2.51 -15.71 -11.05
CA LYS A 855 1.26 -16.06 -10.38
C LYS A 855 0.32 -16.77 -11.34
N SER A 856 0.89 -17.43 -12.37
CA SER A 856 0.09 -18.17 -13.35
C SER A 856 -0.87 -17.23 -14.07
N PHE A 857 -0.42 -16.00 -14.29
CA PHE A 857 -1.10 -14.87 -14.94
C PHE A 857 -2.17 -14.20 -14.08
N THR A 858 -2.32 -14.57 -12.80
CA THR A 858 -3.27 -13.85 -11.94
C THR A 858 -2.92 -12.38 -11.89
N ARG A 859 -3.91 -11.52 -12.18
CA ARG A 859 -3.65 -10.08 -12.09
C ARG A 859 -3.76 -9.57 -10.64
N ASP A 860 -4.78 -9.99 -9.89
CA ASP A 860 -5.09 -9.43 -8.58
C ASP A 860 -5.19 -10.59 -7.59
N SER A 861 -4.06 -10.95 -6.96
CA SER A 861 -3.94 -12.24 -6.30
C SER A 861 -4.22 -12.20 -4.79
N TYR A 862 -4.89 -11.14 -4.32
CA TYR A 862 -5.04 -10.86 -2.88
C TYR A 862 -5.66 -12.01 -2.11
N ASP A 863 -6.53 -12.79 -2.76
CA ASP A 863 -7.22 -13.88 -2.10
C ASP A 863 -7.02 -15.17 -2.88
N SER A 864 -5.96 -15.26 -3.68
CA SER A 864 -5.70 -16.41 -4.52
C SER A 864 -4.85 -17.47 -3.82
N GLY A 865 -4.59 -17.31 -2.53
CA GLY A 865 -4.08 -18.39 -1.71
C GLY A 865 -2.61 -18.69 -1.87
N ASP A 866 -2.17 -19.70 -1.11
CA ASP A 866 -0.81 -20.21 -1.25
C ASP A 866 -0.55 -20.70 -2.67
N TRP A 867 -1.58 -21.20 -3.37
CA TRP A 867 -1.33 -21.85 -4.65
C TRP A 867 -0.79 -20.89 -5.69
N PHE A 868 -1.48 -19.77 -5.91
CA PHE A 868 -1.06 -18.86 -6.97
C PHE A 868 0.01 -17.87 -6.53
N ASN A 869 0.20 -17.69 -5.22
CA ASN A 869 1.17 -16.75 -4.69
C ASN A 869 2.48 -17.42 -4.27
N ARG A 870 2.61 -18.72 -4.53
CA ARG A 870 3.77 -19.51 -4.14
C ARG A 870 5.09 -18.91 -4.62
N VAL A 871 6.07 -18.86 -3.73
CA VAL A 871 7.45 -18.55 -4.08
C VAL A 871 8.30 -19.71 -3.61
N ASP A 872 9.01 -20.36 -4.53
CA ASP A 872 9.71 -21.60 -4.22
C ASP A 872 11.19 -21.31 -3.97
N TYR A 873 11.55 -21.24 -2.69
CA TYR A 873 12.95 -21.00 -2.33
C TYR A 873 13.82 -22.25 -2.42
N SER A 874 13.27 -23.39 -2.85
CA SER A 874 14.10 -24.53 -3.26
C SER A 874 14.48 -24.45 -4.73
N LEU A 875 13.98 -23.44 -5.46
CA LEU A 875 14.45 -23.10 -6.80
C LEU A 875 14.08 -24.13 -7.86
N GLN A 876 12.97 -24.84 -7.69
CA GLN A 876 12.60 -25.84 -8.70
C GLN A 876 11.83 -25.23 -9.87
N ASP A 877 11.02 -24.21 -9.62
CA ASP A 877 10.31 -23.51 -10.69
C ASP A 877 9.84 -22.17 -10.13
N ASN A 878 9.27 -21.35 -11.02
CA ASN A 878 8.84 -19.99 -10.66
C ASN A 878 7.34 -19.87 -10.48
N ASN A 879 6.62 -20.98 -10.34
CA ASN A 879 5.16 -21.05 -10.18
C ASN A 879 4.42 -20.64 -11.45
N TYR A 880 5.07 -20.69 -12.62
CA TYR A 880 4.36 -20.47 -13.86
C TYR A 880 3.57 -21.71 -14.26
N ASN A 881 2.46 -21.49 -14.95
CA ASN A 881 1.66 -22.57 -15.53
C ASN A 881 1.22 -23.58 -14.47
N VAL A 882 0.58 -23.08 -13.42
CA VAL A 882 0.02 -23.95 -12.38
C VAL A 882 -1.51 -23.92 -12.40
N GLY A 883 -2.10 -23.47 -13.52
CA GLY A 883 -3.54 -23.45 -13.66
C GLY A 883 -4.01 -22.08 -14.11
N MET A 884 -5.15 -22.04 -14.80
CA MET A 884 -5.72 -20.77 -15.20
C MET A 884 -6.05 -19.93 -13.97
N PRO A 885 -5.86 -18.62 -14.03
CA PRO A 885 -6.14 -17.77 -12.87
C PRO A 885 -7.65 -17.58 -12.64
N ARG A 886 -7.98 -16.98 -11.50
CA ARG A 886 -9.36 -16.74 -11.09
C ARG A 886 -10.20 -16.22 -12.25
N SER A 887 -11.30 -16.92 -12.55
N SER A 887 -11.29 -16.93 -12.55
CA SER A 887 -12.11 -16.55 -13.70
CA SER A 887 -12.13 -16.57 -13.69
C SER A 887 -12.88 -15.25 -13.47
C SER A 887 -12.88 -15.26 -13.47
N SER A 888 -13.23 -14.95 -12.22
CA SER A 888 -14.03 -13.75 -11.95
C SER A 888 -13.35 -12.48 -12.45
N ASP A 889 -12.02 -12.42 -12.37
CA ASP A 889 -11.28 -11.23 -12.76
C ASP A 889 -10.43 -11.41 -13.99
N ASP A 890 -9.96 -12.62 -14.27
CA ASP A 890 -9.09 -12.86 -15.41
C ASP A 890 -9.75 -13.68 -16.51
N GLY A 891 -11.04 -14.02 -16.37
CA GLY A 891 -11.70 -14.82 -17.41
C GLY A 891 -11.62 -14.18 -18.78
N SER A 892 -11.74 -12.86 -18.86
CA SER A 892 -11.62 -12.15 -20.13
C SER A 892 -10.24 -12.26 -20.74
N ASN A 893 -9.26 -12.75 -19.98
CA ASN A 893 -7.91 -12.93 -20.46
C ASN A 893 -7.57 -14.37 -20.79
N TYR A 894 -8.53 -15.28 -20.63
CA TYR A 894 -8.26 -16.69 -20.87
C TYR A 894 -7.82 -16.94 -22.31
N ASP A 895 -8.45 -16.25 -23.27
CA ASP A 895 -8.09 -16.49 -24.68
C ASP A 895 -6.63 -16.11 -24.94
N ILE A 896 -6.22 -14.92 -24.50
CA ILE A 896 -4.85 -14.50 -24.77
C ILE A 896 -3.86 -15.34 -23.95
N ILE A 897 -4.25 -15.71 -22.72
CA ILE A 897 -3.40 -16.59 -21.92
C ILE A 897 -3.13 -17.89 -22.66
N ALA A 898 -4.19 -18.51 -23.20
CA ALA A 898 -4.01 -19.79 -23.87
C ALA A 898 -3.12 -19.67 -25.08
N ARG A 899 -3.15 -18.53 -25.75
CA ARG A 899 -2.34 -18.36 -26.95
C ARG A 899 -0.86 -18.12 -26.65
N VAL A 900 -0.52 -17.48 -25.52
CA VAL A 900 0.86 -17.15 -25.21
C VAL A 900 1.52 -18.14 -24.26
N LYS A 901 0.74 -18.91 -23.49
CA LYS A 901 1.28 -19.49 -22.27
C LYS A 901 2.43 -20.46 -22.55
N ASP A 902 2.32 -21.28 -23.59
CA ASP A 902 3.26 -22.37 -23.79
C ASP A 902 4.32 -22.03 -24.84
N ALA A 903 4.61 -20.75 -25.05
CA ALA A 903 5.58 -20.36 -26.07
C ALA A 903 6.96 -20.95 -25.80
N VAL A 904 7.41 -20.95 -24.54
CA VAL A 904 8.70 -21.50 -24.14
C VAL A 904 8.53 -22.31 -22.87
N ALA A 905 9.63 -22.96 -22.45
CA ALA A 905 9.59 -23.80 -21.26
C ALA A 905 9.43 -22.96 -20.00
N THR A 906 8.87 -23.58 -18.97
CA THR A 906 8.80 -22.96 -17.65
C THR A 906 10.17 -22.91 -17.01
N PRO A 907 10.58 -21.78 -16.42
CA PRO A 907 11.89 -21.71 -15.77
C PRO A 907 12.10 -22.81 -14.75
N GLY A 908 13.32 -23.33 -14.70
CA GLY A 908 13.74 -24.28 -13.69
C GLY A 908 14.93 -23.78 -12.91
N GLU A 909 15.61 -24.67 -12.19
CA GLU A 909 16.67 -24.25 -11.29
C GLU A 909 17.77 -23.46 -12.02
N THR A 910 18.11 -23.88 -13.23
CA THR A 910 19.17 -23.18 -13.97
C THR A 910 18.81 -21.72 -14.22
N GLU A 911 17.59 -21.47 -14.67
CA GLU A 911 17.18 -20.10 -14.98
C GLU A 911 16.98 -19.29 -13.71
N LEU A 912 16.47 -19.93 -12.65
CA LEU A 912 16.27 -19.23 -11.38
C LEU A 912 17.59 -18.76 -10.80
N LYS A 913 18.61 -19.64 -10.83
CA LYS A 913 19.93 -19.27 -10.34
C LYS A 913 20.57 -18.19 -11.20
N GLN A 914 20.39 -18.26 -12.53
N GLN A 914 20.40 -18.32 -12.53
CA GLN A 914 20.97 -17.19 -13.35
CA GLN A 914 20.85 -17.28 -13.46
C GLN A 914 20.25 -15.87 -13.11
C GLN A 914 20.25 -15.93 -13.10
N MET A 915 18.93 -15.90 -12.91
CA MET A 915 18.23 -14.64 -12.61
C MET A 915 18.65 -14.07 -11.27
N THR A 916 18.78 -14.92 -10.24
CA THR A 916 19.23 -14.41 -8.95
C THR A 916 20.62 -13.79 -9.07
N ALA A 917 21.50 -14.39 -9.87
CA ALA A 917 22.82 -13.80 -10.10
C ALA A 917 22.71 -12.45 -10.78
N PHE A 918 21.90 -12.36 -11.85
CA PHE A 918 21.67 -11.08 -12.52
C PHE A 918 21.17 -10.03 -11.53
N TYR A 919 20.21 -10.42 -10.70
CA TYR A 919 19.56 -9.48 -9.78
C TYR A 919 20.56 -8.95 -8.77
N GLN A 920 21.34 -9.84 -8.18
CA GLN A 920 22.33 -9.43 -7.19
C GLN A 920 23.47 -8.65 -7.81
N GLU A 921 23.77 -8.90 -9.09
CA GLU A 921 24.70 -8.05 -9.82
C GLU A 921 24.18 -6.62 -9.89
N LEU A 922 22.89 -6.45 -10.23
CA LEU A 922 22.31 -5.12 -10.34
C LEU A 922 22.27 -4.41 -8.98
N THR A 923 21.84 -5.10 -7.93
CA THR A 923 21.80 -4.44 -6.63
C THR A 923 23.20 -4.14 -6.11
N ALA A 924 24.17 -5.02 -6.39
CA ALA A 924 25.54 -4.77 -5.95
C ALA A 924 26.11 -3.55 -6.65
N LEU A 925 25.77 -3.36 -7.93
CA LEU A 925 26.24 -2.19 -8.66
C LEU A 925 25.65 -0.91 -8.07
N ARG A 926 24.33 -0.90 -7.85
CA ARG A 926 23.69 0.25 -7.21
C ARG A 926 24.35 0.60 -5.88
N LYS A 927 24.64 -0.42 -5.07
CA LYS A 927 25.20 -0.24 -3.73
C LYS A 927 26.64 0.28 -3.78
N SER A 928 27.36 -0.02 -4.85
CA SER A 928 28.81 0.12 -4.86
C SER A 928 29.27 1.57 -4.95
N SER A 929 28.47 2.47 -5.54
CA SER A 929 28.91 3.84 -5.72
C SER A 929 27.83 4.83 -5.32
N PRO A 930 28.19 5.91 -4.62
CA PRO A 930 27.20 6.97 -4.33
C PRO A 930 26.72 7.72 -5.57
N LEU A 931 27.36 7.55 -6.74
CA LEU A 931 26.91 8.21 -7.95
C LEU A 931 25.57 7.69 -8.45
N PHE A 932 25.19 6.46 -8.12
CA PHE A 932 23.90 5.94 -8.54
C PHE A 932 22.74 6.54 -7.75
N THR A 933 23.03 7.19 -6.63
CA THR A 933 22.03 7.49 -5.60
C THR A 933 22.30 8.90 -5.04
N LEU A 934 22.29 9.88 -5.94
CA LEU A 934 22.73 11.23 -5.59
C LEU A 934 21.77 11.91 -4.62
N GLY A 935 20.49 11.55 -4.64
CA GLY A 935 19.52 12.05 -3.65
C GLY A 935 18.94 13.43 -3.90
N ASP A 936 19.79 14.39 -4.26
N ASP A 936 19.80 14.41 -4.20
CA ASP A 936 19.39 15.78 -4.41
CA ASP A 936 19.39 15.78 -4.42
C ASP A 936 19.13 16.09 -5.88
C ASP A 936 19.07 16.00 -5.89
N GLY A 937 17.95 16.67 -6.16
CA GLY A 937 17.57 16.93 -7.54
C GLY A 937 18.54 17.85 -8.27
N ALA A 938 19.00 18.91 -7.61
CA ALA A 938 19.98 19.79 -8.24
C ALA A 938 21.25 19.04 -8.59
N THR A 939 21.66 18.09 -7.74
CA THR A 939 22.87 17.32 -7.98
C THR A 939 22.68 16.36 -9.17
N VAL A 940 21.51 15.71 -9.24
CA VAL A 940 21.18 14.92 -10.43
C VAL A 940 21.29 15.79 -11.68
N MET A 941 20.74 17.01 -11.64
CA MET A 941 20.77 17.84 -12.83
C MET A 941 22.18 18.27 -13.19
N LYS A 942 23.07 18.40 -12.20
CA LYS A 942 24.45 18.81 -12.46
C LYS A 942 25.32 17.65 -12.96
N ARG A 943 24.91 16.40 -12.75
CA ARG A 943 25.77 15.25 -12.99
C ARG A 943 25.23 14.25 -14.01
N VAL A 944 23.92 14.11 -14.19
CA VAL A 944 23.35 13.01 -14.96
C VAL A 944 22.97 13.47 -16.36
N ASP A 945 23.31 12.68 -17.36
CA ASP A 945 23.02 13.00 -18.76
C ASP A 945 22.72 11.71 -19.51
N PHE A 946 22.31 11.84 -20.77
CA PHE A 946 22.06 10.67 -21.61
C PHE A 946 22.73 10.83 -22.97
N ARG A 947 23.12 9.69 -23.53
CA ARG A 947 23.59 9.57 -24.91
C ARG A 947 22.57 8.75 -25.68
N ASN A 948 22.80 8.60 -26.99
CA ASN A 948 21.89 7.86 -27.86
C ASN A 948 20.44 8.37 -27.72
N THR A 949 20.28 9.67 -27.94
CA THR A 949 18.99 10.34 -27.86
C THR A 949 18.64 10.93 -29.23
N GLY A 950 17.40 11.36 -29.36
CA GLY A 950 16.99 12.05 -30.57
C GLY A 950 16.53 11.12 -31.67
N ALA A 951 16.32 11.73 -32.84
CA ALA A 951 15.66 11.05 -33.95
C ALA A 951 16.51 9.96 -34.60
N ASP A 952 17.83 9.99 -34.40
CA ASP A 952 18.73 8.99 -34.98
C ASP A 952 19.21 7.98 -33.94
N GLN A 953 18.56 7.91 -32.78
CA GLN A 953 18.97 6.98 -31.75
C GLN A 953 18.82 5.54 -32.21
N GLN A 954 19.64 4.65 -31.66
CA GLN A 954 19.43 3.22 -31.82
C GLN A 954 18.36 2.79 -30.82
N THR A 955 17.21 2.35 -31.34
CA THR A 955 16.04 2.12 -30.51
C THR A 955 16.31 1.06 -29.45
N GLY A 956 15.89 1.33 -28.21
CA GLY A 956 16.02 0.39 -27.12
C GLY A 956 17.33 0.45 -26.36
N LEU A 957 18.30 1.25 -26.83
CA LEU A 957 19.58 1.38 -26.14
C LEU A 957 19.51 2.61 -25.23
N LEU A 958 19.53 2.37 -23.91
CA LEU A 958 19.50 3.43 -22.91
C LEU A 958 20.92 3.65 -22.41
N VAL A 959 21.44 4.87 -22.56
CA VAL A 959 22.80 5.18 -22.16
C VAL A 959 22.77 6.40 -21.25
N MET A 960 23.10 6.20 -19.98
CA MET A 960 23.11 7.26 -18.99
C MET A 960 24.53 7.48 -18.51
N THR A 961 24.93 8.75 -18.36
CA THR A 961 26.22 9.08 -17.79
C THR A 961 26.03 9.79 -16.45
N ILE A 962 26.93 9.54 -15.49
CA ILE A 962 26.91 10.21 -14.19
C ILE A 962 28.31 10.78 -13.95
N ASP A 963 28.38 12.10 -13.82
CA ASP A 963 29.66 12.80 -13.73
C ASP A 963 30.19 12.81 -12.30
N ASP A 964 31.49 12.51 -12.12
CA ASP A 964 32.19 12.76 -10.87
C ASP A 964 33.44 13.63 -11.10
N GLY A 965 33.52 14.28 -12.26
CA GLY A 965 34.66 15.08 -12.62
C GLY A 965 34.57 16.51 -12.11
N MET A 966 35.57 17.31 -12.49
CA MET A 966 35.75 18.64 -11.91
C MET A 966 34.57 19.56 -12.14
N GLN A 967 33.88 19.43 -13.28
CA GLN A 967 32.75 20.33 -13.53
C GLN A 967 31.53 19.99 -12.66
N ALA A 968 31.48 18.80 -12.08
CA ALA A 968 30.34 18.44 -11.24
C ALA A 968 30.45 19.02 -9.84
N GLY A 969 31.67 19.27 -9.36
CA GLY A 969 31.91 19.63 -7.98
C GLY A 969 32.91 18.68 -7.34
N ALA A 970 32.65 18.31 -6.10
CA ALA A 970 33.53 17.40 -5.40
C ALA A 970 33.41 15.99 -5.97
N SER A 971 34.50 15.23 -5.86
CA SER A 971 34.46 13.80 -6.14
C SER A 971 33.72 13.11 -5.00
N LEU A 972 32.59 12.47 -5.32
CA LEU A 972 31.86 11.70 -4.32
C LEU A 972 32.36 10.28 -4.20
N ASP A 973 33.11 9.80 -5.18
CA ASP A 973 33.60 8.43 -5.24
C ASP A 973 35.09 8.49 -5.56
N SER A 974 35.93 8.04 -4.63
CA SER A 974 37.37 8.18 -4.85
C SER A 974 37.90 7.22 -5.91
N ARG A 975 37.11 6.21 -6.27
CA ARG A 975 37.58 5.22 -7.23
C ARG A 975 37.31 5.60 -8.68
N VAL A 976 36.35 6.49 -8.95
CA VAL A 976 35.95 6.78 -10.33
C VAL A 976 35.73 8.28 -10.52
N ASP A 977 35.94 8.73 -11.75
CA ASP A 977 35.61 10.07 -12.22
C ASP A 977 34.28 10.14 -12.96
N GLY A 978 33.62 9.01 -13.17
CA GLY A 978 32.36 8.99 -13.88
C GLY A 978 31.92 7.56 -14.10
N ILE A 979 30.61 7.40 -14.34
CA ILE A 979 30.00 6.11 -14.61
C ILE A 979 29.13 6.22 -15.85
N VAL A 980 29.14 5.16 -16.66
CA VAL A 980 28.22 5.00 -17.79
C VAL A 980 27.35 3.79 -17.51
N VAL A 981 26.03 3.97 -17.64
CA VAL A 981 25.08 2.86 -17.57
C VAL A 981 24.54 2.64 -18.98
N ALA A 982 24.75 1.45 -19.53
CA ALA A 982 24.26 1.12 -20.86
C ALA A 982 23.33 -0.09 -20.76
N ILE A 983 22.07 0.10 -21.12
CA ILE A 983 21.09 -0.98 -21.13
C ILE A 983 20.66 -1.18 -22.58
N ASN A 984 21.04 -2.31 -23.17
CA ASN A 984 20.73 -2.58 -24.57
C ASN A 984 19.52 -3.50 -24.62
N ALA A 985 18.33 -2.89 -24.59
CA ALA A 985 17.08 -3.63 -24.61
C ALA A 985 16.68 -3.89 -26.06
N ALA A 986 17.43 -4.79 -26.69
CA ALA A 986 17.30 -4.99 -28.14
C ALA A 986 17.92 -6.32 -28.52
N PRO A 987 17.49 -6.90 -29.64
CA PRO A 987 18.04 -8.19 -30.08
C PRO A 987 19.29 -8.09 -30.93
N GLU A 988 19.80 -6.89 -31.16
CA GLU A 988 21.05 -6.66 -31.88
C GLU A 988 22.17 -6.31 -30.93
N SER A 989 23.40 -6.58 -31.35
CA SER A 989 24.55 -5.93 -30.74
C SER A 989 24.57 -4.47 -31.14
N ARG A 990 25.00 -3.60 -30.22
CA ARG A 990 25.09 -2.17 -30.45
C ARG A 990 26.49 -1.68 -30.13
N THR A 991 27.01 -0.79 -30.95
CA THR A 991 28.31 -0.17 -30.71
C THR A 991 28.13 1.31 -30.41
N LEU A 992 28.84 1.79 -29.38
CA LEU A 992 28.86 3.18 -28.99
C LEU A 992 30.23 3.77 -29.24
N GLN A 993 30.26 4.95 -29.86
CA GLN A 993 31.49 5.72 -30.04
C GLN A 993 31.58 6.92 -29.11
N ASP A 994 30.56 7.14 -28.26
CA ASP A 994 30.46 8.38 -27.49
C ASP A 994 31.65 8.59 -26.56
N PHE A 995 32.32 7.50 -26.15
CA PHE A 995 33.38 7.57 -25.16
C PHE A 995 34.74 7.27 -25.75
N ALA A 996 34.87 7.43 -27.06
CA ALA A 996 36.16 7.30 -27.72
C ALA A 996 37.18 8.21 -27.07
N GLY A 997 38.40 7.69 -26.93
CA GLY A 997 39.48 8.46 -26.34
C GLY A 997 39.45 8.56 -24.83
N THR A 998 38.36 8.13 -24.18
CA THR A 998 38.33 8.13 -22.72
C THR A 998 38.96 6.83 -22.19
N SER A 999 39.19 6.82 -20.89
CA SER A 999 39.81 5.67 -20.23
C SER A 999 38.80 4.62 -19.79
N LEU A 1000 37.65 4.55 -20.45
CA LEU A 1000 36.50 3.80 -19.92
C LEU A 1000 36.83 2.33 -19.72
N GLN A 1001 36.36 1.75 -18.61
CA GLN A 1001 36.56 0.34 -18.30
C GLN A 1001 35.25 -0.28 -17.83
N LEU A 1002 35.05 -1.54 -18.16
CA LEU A 1002 33.93 -2.30 -17.59
C LEU A 1002 34.11 -2.47 -16.09
N SER A 1003 33.01 -2.31 -15.35
CA SER A 1003 33.10 -2.43 -13.89
C SER A 1003 33.67 -3.79 -13.48
N ALA A 1004 34.49 -3.78 -12.43
CA ALA A 1004 35.11 -5.02 -11.96
C ALA A 1004 34.07 -6.01 -11.46
N ILE A 1005 32.99 -5.52 -10.85
CA ILE A 1005 31.92 -6.40 -10.43
C ILE A 1005 31.40 -7.22 -11.60
N GLN A 1006 31.20 -6.59 -12.75
CA GLN A 1006 30.65 -7.34 -13.87
C GLN A 1006 31.72 -8.22 -14.53
N GLN A 1007 32.97 -7.74 -14.63
CA GLN A 1007 34.02 -8.61 -15.15
C GLN A 1007 34.14 -9.88 -14.33
N ALA A 1008 34.00 -9.78 -13.01
CA ALA A 1008 34.17 -10.93 -12.13
C ALA A 1008 33.07 -11.98 -12.33
N ALA A 1009 31.90 -11.58 -12.84
CA ALA A 1009 30.84 -12.54 -13.10
C ALA A 1009 31.06 -13.31 -14.39
N GLY A 1010 32.02 -12.90 -15.22
CA GLY A 1010 32.34 -13.67 -16.40
C GLY A 1010 31.15 -13.84 -17.33
N ASP A 1011 30.98 -15.05 -17.85
CA ASP A 1011 29.88 -15.27 -18.79
C ASP A 1011 28.53 -15.40 -18.11
N ARG A 1012 28.46 -15.22 -16.79
CA ARG A 1012 27.21 -15.14 -16.07
C ARG A 1012 26.77 -13.71 -15.81
N SER A 1013 27.55 -12.73 -16.27
CA SER A 1013 27.23 -11.33 -16.07
C SER A 1013 26.18 -10.87 -17.06
N LEU A 1014 25.40 -9.86 -16.66
CA LEU A 1014 24.57 -9.16 -17.63
C LEU A 1014 25.41 -8.49 -18.71
N ALA A 1015 26.70 -8.28 -18.45
CA ALA A 1015 27.62 -7.70 -19.43
C ALA A 1015 28.49 -8.74 -20.11
N SER A 1016 28.11 -10.03 -20.03
CA SER A 1016 28.87 -11.06 -20.74
C SER A 1016 28.99 -10.72 -22.21
N GLY A 1017 30.22 -10.73 -22.72
CA GLY A 1017 30.44 -10.44 -24.12
C GLY A 1017 30.61 -8.98 -24.46
N VAL A 1018 30.47 -8.07 -23.50
CA VAL A 1018 30.72 -6.66 -23.75
C VAL A 1018 32.18 -6.46 -24.12
N GLN A 1019 32.42 -5.63 -25.13
CA GLN A 1019 33.77 -5.34 -25.60
C GLN A 1019 34.06 -3.85 -25.43
N VAL A 1020 35.15 -3.54 -24.73
CA VAL A 1020 35.65 -2.18 -24.65
C VAL A 1020 36.95 -2.15 -25.45
N ALA A 1021 36.90 -1.56 -26.63
CA ALA A 1021 38.06 -1.56 -27.51
C ALA A 1021 39.10 -0.56 -27.04
N ALA A 1022 40.27 -0.60 -27.68
CA ALA A 1022 41.36 0.29 -27.29
C ALA A 1022 40.94 1.75 -27.44
N ASP A 1023 40.32 2.09 -28.57
CA ASP A 1023 39.94 3.48 -28.84
C ASP A 1023 38.80 3.99 -27.98
N GLY A 1024 38.28 3.19 -27.04
CA GLY A 1024 37.19 3.61 -26.20
C GLY A 1024 35.81 3.27 -26.72
N SER A 1025 35.71 2.73 -27.93
CA SER A 1025 34.42 2.26 -28.42
C SER A 1025 33.97 1.06 -27.60
N VAL A 1026 32.65 0.93 -27.43
CA VAL A 1026 32.06 -0.09 -26.59
C VAL A 1026 30.99 -0.80 -27.41
N THR A 1027 31.03 -2.14 -27.43
CA THR A 1027 29.99 -2.92 -28.07
C THR A 1027 29.27 -3.78 -27.03
N LEU A 1028 27.94 -3.68 -27.02
CA LEU A 1028 27.10 -4.47 -26.13
C LEU A 1028 26.37 -5.53 -26.91
N PRO A 1029 26.35 -6.77 -26.43
CA PRO A 1029 25.50 -7.80 -27.04
C PRO A 1029 24.02 -7.51 -26.82
N ALA A 1030 23.18 -8.31 -27.49
CA ALA A 1030 21.75 -8.23 -27.27
C ALA A 1030 21.40 -8.40 -25.79
N TRP A 1031 20.36 -7.69 -25.36
CA TRP A 1031 19.72 -7.87 -24.05
C TRP A 1031 20.78 -7.89 -22.94
N SER A 1032 21.61 -6.84 -22.93
N SER A 1032 21.60 -6.83 -22.91
CA SER A 1032 22.74 -6.75 -22.03
CA SER A 1032 22.74 -6.75 -22.03
C SER A 1032 22.66 -5.46 -21.21
C SER A 1032 22.75 -5.43 -21.26
N VAL A 1033 23.40 -5.45 -20.10
CA VAL A 1033 23.52 -4.29 -19.24
C VAL A 1033 24.99 -4.15 -18.87
N ALA A 1034 25.57 -2.98 -19.15
CA ALA A 1034 26.97 -2.72 -18.83
C ALA A 1034 27.06 -1.46 -17.98
N VAL A 1035 27.79 -1.56 -16.87
CA VAL A 1035 28.20 -0.40 -16.07
C VAL A 1035 29.68 -0.20 -16.31
N LEU A 1036 30.03 0.96 -16.87
CA LEU A 1036 31.41 1.27 -17.19
C LEU A 1036 31.86 2.45 -16.35
N GLU A 1037 33.16 2.61 -16.21
CA GLU A 1037 33.65 3.63 -15.29
C GLU A 1037 34.92 4.27 -15.83
N LEU A 1038 35.13 5.53 -15.46
CA LEU A 1038 36.41 6.18 -15.67
C LEU A 1038 37.22 6.06 -14.39
N PRO A 1039 38.31 5.30 -14.38
CA PRO A 1039 39.09 5.15 -13.15
C PRO A 1039 39.71 6.47 -12.73
N GLN A 1040 39.65 6.76 -11.43
CA GLN A 1040 40.19 8.00 -10.90
C GLN A 1040 41.66 7.84 -10.55
N GLY A 1041 42.46 8.82 -10.96
CA GLY A 1041 43.89 8.86 -10.74
C GLY A 1041 44.27 9.67 -9.52
N GLU A 1042 45.46 10.28 -9.58
CA GLU A 1042 46.01 10.98 -8.41
C GLU A 1042 45.14 12.15 -7.99
N SER A 1043 44.54 12.85 -8.95
CA SER A 1043 43.59 13.90 -8.67
C SER A 1043 42.31 13.69 -9.48
N GLN A 1044 41.24 14.34 -9.02
CA GLN A 1044 39.97 14.31 -9.74
C GLN A 1044 40.17 14.68 -11.20
N GLY A 1045 39.55 13.89 -12.09
CA GLY A 1045 39.71 14.08 -13.52
C GLY A 1045 38.56 14.86 -14.15
N ALA A 1046 38.56 14.87 -15.48
CA ALA A 1046 37.58 15.62 -16.26
C ALA A 1046 36.18 14.99 -16.19
N GLY A 1047 36.10 13.67 -16.11
CA GLY A 1047 34.80 13.03 -15.94
C GLY A 1047 33.94 13.03 -17.21
N LEU A 1048 32.64 13.11 -16.99
CA LEU A 1048 31.62 13.05 -18.04
C LEU A 1048 30.67 14.24 -17.87
N PRO A 1049 31.11 15.44 -18.22
CA PRO A 1049 30.29 16.62 -17.94
C PRO A 1049 28.99 16.63 -18.72
N VAL A 1050 27.93 17.06 -18.05
CA VAL A 1050 26.62 17.17 -18.67
C VAL A 1050 26.69 18.09 -19.88
N SER A 1051 26.13 17.64 -21.00
CA SER A 1051 26.19 18.42 -22.23
C SER A 1051 25.27 19.64 -22.16
N SER A 1052 25.70 20.71 -22.81
CA SER A 1052 24.91 21.93 -22.83
C SER A 1052 23.70 21.75 -23.74
N LYS A 1053 22.55 22.25 -23.28
CA LYS A 1053 21.31 22.11 -24.03
C LYS A 1053 20.52 23.42 -24.05
C1 GLC B . -3.21 5.57 -12.51
C2 GLC B . -2.02 4.67 -12.18
C3 GLC B . -2.49 3.27 -11.80
C4 GLC B . -3.51 3.35 -10.67
C5 GLC B . -4.66 4.21 -11.13
C6 GLC B . -5.67 4.36 -9.99
O1 GLC B . -3.80 5.15 -13.75
O2 GLC B . -1.15 4.59 -13.33
O3 GLC B . -1.37 2.49 -11.37
O4 GLC B . -3.96 2.03 -10.31
O5 GLC B . -4.18 5.51 -11.46
O6 GLC B . -6.57 5.42 -10.35
C1 GLC B . -3.28 1.62 -9.11
C2 GLC B . -2.81 0.17 -9.23
C3 GLC B . -3.98 -0.79 -9.29
C4 GLC B . -4.89 -0.54 -8.11
C5 GLC B . -5.33 0.92 -8.16
C6 GLC B . -6.31 1.24 -7.04
O2 GLC B . -2.03 -0.02 -10.41
O3 GLC B . -3.50 -2.14 -9.26
O4 GLC B . -6.02 -1.41 -8.18
O5 GLC B . -4.17 1.73 -8.00
O6 GLC B . -5.87 0.53 -5.89
C1 GLC B . -5.93 -2.43 -7.17
C2 GLC B . -6.36 -3.76 -7.77
C3 GLC B . -7.81 -3.68 -8.24
C4 GLC B . -8.70 -3.22 -7.09
C5 GLC B . -8.15 -1.96 -6.44
C6 GLC B . -8.96 -1.56 -5.21
O2 GLC B . -5.47 -4.08 -8.86
O3 GLC B . -8.27 -4.96 -8.68
O4 GLC B . -10.02 -2.99 -7.60
O5 GLC B . -6.79 -2.16 -6.05
O6 GLC B . -8.57 -0.25 -4.78
C1 GLC C . -3.98 -0.41 -3.17
C2 GLC C . -3.33 -1.76 -2.90
C3 GLC C . -4.24 -2.87 -3.39
C4 GLC C . -5.54 -2.83 -2.57
C5 GLC C . -6.13 -1.44 -2.65
C6 GLC C . -7.23 -1.29 -1.60
O1 GLC C . -4.23 -0.20 -4.56
O2 GLC C . -2.02 -1.81 -3.49
O3 GLC C . -3.55 -4.10 -3.21
O4 GLC C . -6.53 -3.71 -3.12
O5 GLC C . -5.17 -0.41 -2.37
O6 GLC C . -6.59 -1.27 -0.32
C1 GLC C . -6.46 -5.06 -2.60
C2 GLC C . -7.02 -6.00 -3.66
C3 GLC C . -8.51 -5.75 -3.87
C4 GLC C . -9.24 -5.91 -2.54
C5 GLC C . -8.62 -4.92 -1.57
C6 GLC C . -9.25 -4.98 -0.17
O2 GLC C . -6.32 -5.76 -4.88
O3 GLC C . -9.06 -6.65 -4.85
O4 GLC C . -10.62 -5.62 -2.71
O5 GLC C . -7.24 -5.23 -1.41
O6 GLC C . -9.05 -6.28 0.39
C1 GLC C . -11.36 -6.85 -2.81
C2 GLC C . -12.44 -6.63 -3.87
C3 GLC C . -13.43 -5.58 -3.41
C4 GLC C . -14.00 -5.98 -2.05
C5 GLC C . -12.85 -6.19 -1.06
C6 GLC C . -13.40 -6.69 0.27
O2 GLC C . -11.83 -6.17 -5.07
O3 GLC C . -14.50 -5.49 -4.37
O4 GLC C . -14.91 -4.99 -1.58
O5 GLC C . -11.96 -7.20 -1.57
O6 GLC C . -14.05 -7.96 0.04
CA CA D . -16.91 12.92 -4.02
CA CA E . -8.28 -16.26 1.89
C1 GOL F . 5.44 14.61 -25.57
O1 GOL F . 6.11 13.63 -24.79
C2 GOL F . 6.41 15.71 -25.96
O2 GOL F . 6.10 16.91 -25.29
C3 GOL F . 7.84 15.30 -25.61
O3 GOL F . 8.25 14.31 -26.50
C1 GOL G . 4.57 -27.18 -8.54
O1 GOL G . 4.58 -26.61 -9.82
C2 GOL G . 3.14 -27.21 -7.97
O2 GOL G . 2.31 -26.34 -8.69
C3 GOL G . 3.15 -26.82 -6.49
O3 GOL G . 3.07 -28.00 -5.71
C1 GOL H . -17.28 -19.44 5.02
C1 GOL H . -17.51 -21.59 4.08
O1 GOL H . -17.35 -19.10 6.40
O1 GOL H . -18.71 -22.00 3.46
C2 GOL H . -17.58 -20.92 4.86
C2 GOL H . -17.58 -21.77 5.59
O2 GOL H . -18.91 -21.21 5.24
O2 GOL H . -17.44 -20.52 6.25
C3 GOL H . -17.31 -21.38 3.43
C3 GOL H . -18.92 -22.40 5.97
O3 GOL H . -18.27 -20.86 2.54
O3 GOL H . -18.68 -23.60 6.66
MG MG I . 35.62 10.39 -7.99
MG MG J . -6.76 -10.28 12.38
#